data_7F04
#
_entry.id   7F04
#
_cell.length_a   1.00
_cell.length_b   1.00
_cell.length_c   1.00
_cell.angle_alpha   90.00
_cell.angle_beta   90.00
_cell.angle_gamma   90.00
#
_symmetry.space_group_name_H-M   'P 1'
#
loop_
_entity.id
_entity.type
_entity.pdbx_description
1 polymer 'Cytochrome c biogenesis ATP-binding export protein CcmA'
2 polymer 'Heme exporter protein B'
3 polymer 'Heme exporter protein C'
4 polymer 'Heme exporter protein D'
5 non-polymer 'MAGNESIUM ION'
6 non-polymer "ADENOSINE-5'-TRIPHOSPHATE"
7 non-polymer 'PROTOPORPHYRIN IX CONTAINING FE'
8 non-polymer 1,2-Distearoyl-sn-glycerophosphoethanolamine
9 water water
#
loop_
_entity_poly.entity_id
_entity_poly.type
_entity_poly.pdbx_seq_one_letter_code
_entity_poly.pdbx_strand_id
1 'polypeptide(L)'
;MGMLEARELLCERDERTLFSGLSFTLNAGEWVQITGSNGAGKTTLLRLLTGLSRPDAGEVLWQGQPLHQVRDSYHQNLLW
IGHQPGIKTRLTALENLHFYHRDGDTAQCLEALAQAGLAGFEDIPVNQLSAGQQRRVALARLWLTRATLWILDEPFTAID
VNGVDRLTQRMAQHTEQGGIVILTTHQPLNVAESKIRRISLTQTRAA
;
A,E
2 'polypeptide(L)'
;MMFWRIFRLELRVAFRHSAEIANPLWFFLIVITLFPLSIGPEPQLLARIAPGIIWVAALLSSLLALERLFRDDLQDGSLE
QLMLLPLPLPAVVLAKVMAHWMVTGLPLLILSPLVAMLLGMDVYGWQVMALTLLLGTPTLGFLGAPGVALTVGLKRGGVL
LSILVLPLTIPLLIFATAAMDAASMHLPVDGYLAILGALLAGTATLSPFATAAALRISIQ
;
B,F
3 'polypeptide(L)'
;MWKTLHQLAIPPRLYQICGWFIPWLAIASVVVLTVGWIWGFGFAPADYQQGNSYRIIYLHVPAAIWSMGIYASMAVAAFI
GLVWQMKMANLAVAAMAPIGAVFTFIALVTGSAWGKPMWGTWWVWDARLTSELVLLFLYVGVIALWHAFDDRRLAGRAAG
ILVLIGVVNLPIIHYSVEWWNTLHQGSTRMQQSIDPAMRSPLRWSIFGFLLLSATLTLMRMRNLILLMEKRRPWVSELIL
KRGRK
;
C
4 'polypeptide(L)' MTPAFASWNEFFAMGGYAFFVWLAVVMTVIPLVVLVVHSVMQHRAILRGVAQQRAREARLRAAQQQEAA D
#
loop_
_chem_comp.id
_chem_comp.type
_chem_comp.name
_chem_comp.formula
3PE non-polymer 1,2-Distearoyl-sn-glycerophosphoethanolamine 'C41 H82 N O8 P'
ATP non-polymer ADENOSINE-5'-TRIPHOSPHATE 'C10 H16 N5 O13 P3'
HEM non-polymer 'PROTOPORPHYRIN IX CONTAINING FE' 'C34 H32 Fe N4 O4'
MG non-polymer 'MAGNESIUM ION' 'Mg 2'
#
# COMPACT_ATOMS: atom_id res chain seq x y z
N MET A 1 31.29 -7.33 37.89
CA MET A 1 30.55 -7.94 38.98
C MET A 1 29.10 -7.44 38.99
N GLY A 2 28.20 -8.27 38.47
CA GLY A 2 26.80 -7.93 38.34
C GLY A 2 26.42 -7.68 36.89
N MET A 3 25.12 -7.78 36.64
CA MET A 3 24.57 -7.52 35.31
C MET A 3 24.48 -6.03 35.05
N LEU A 4 23.67 -5.65 34.05
CA LEU A 4 23.66 -4.33 33.44
C LEU A 4 24.00 -3.20 34.41
N GLU A 5 24.99 -2.38 34.04
CA GLU A 5 25.53 -1.36 34.92
C GLU A 5 25.79 -0.09 34.12
N ALA A 6 25.35 1.04 34.65
CA ALA A 6 25.68 2.33 34.06
C ALA A 6 26.89 2.93 34.77
N ARG A 7 27.76 3.57 33.99
CA ARG A 7 28.98 4.19 34.52
C ARG A 7 29.00 5.66 34.10
N GLU A 8 28.53 6.53 34.99
CA GLU A 8 28.45 7.96 34.75
C GLU A 8 27.84 8.26 33.38
N LEU A 9 26.61 7.81 33.20
CA LEU A 9 25.89 8.09 31.97
C LEU A 9 25.52 9.56 31.90
N LEU A 10 25.87 10.20 30.78
CA LEU A 10 25.55 11.59 30.54
C LEU A 10 24.85 11.70 29.20
N CYS A 11 23.80 12.52 29.16
CA CYS A 11 23.07 12.74 27.92
C CYS A 11 22.35 14.08 28.00
N GLU A 12 22.41 14.83 26.90
CA GLU A 12 21.71 16.11 26.79
C GLU A 12 21.21 16.27 25.38
N ARG A 13 19.93 16.63 25.24
CA ARG A 13 19.33 16.91 23.95
C ARG A 13 18.94 18.38 23.90
N ASP A 14 19.07 18.99 22.72
CA ASP A 14 18.89 20.43 22.56
C ASP A 14 19.84 21.17 23.49
N GLU A 15 19.27 21.91 24.46
CA GLU A 15 20.08 22.66 25.41
C GLU A 15 19.93 22.20 26.85
N ARG A 16 18.92 21.39 27.16
CA ARG A 16 18.73 20.86 28.50
C ARG A 16 19.45 19.53 28.66
N THR A 17 20.06 19.33 29.82
CA THR A 17 20.73 18.08 30.14
C THR A 17 19.74 17.12 30.80
N LEU A 18 19.53 15.96 30.18
CA LEU A 18 18.56 15.01 30.71
C LEU A 18 19.06 14.38 32.00
N PHE A 19 20.31 13.92 32.00
CA PHE A 19 20.90 13.31 33.19
C PHE A 19 22.41 13.36 33.06
N SER A 20 23.08 13.27 34.20
CA SER A 20 24.54 13.27 34.23
C SER A 20 25.00 12.52 35.46
N GLY A 21 26.02 11.68 35.31
CA GLY A 21 26.53 10.92 36.42
C GLY A 21 25.68 9.77 36.87
N LEU A 22 24.79 9.26 36.01
CA LEU A 22 23.99 8.09 36.34
C LEU A 22 24.87 6.86 36.46
N SER A 23 25.02 6.34 37.68
CA SER A 23 25.88 5.19 37.94
C SER A 23 25.14 4.26 38.89
N PHE A 24 24.46 3.26 38.33
CA PHE A 24 23.75 2.26 39.12
C PHE A 24 24.10 0.87 38.62
N THR A 25 24.17 -0.08 39.55
CA THR A 25 24.45 -1.47 39.24
C THR A 25 23.22 -2.30 39.54
N LEU A 26 22.85 -3.16 38.59
CA LEU A 26 21.65 -3.98 38.69
C LEU A 26 22.05 -5.45 38.81
N ASN A 27 21.58 -6.11 39.86
CA ASN A 27 21.85 -7.52 40.08
C ASN A 27 20.62 -8.36 39.77
N ALA A 28 20.73 -9.66 39.98
CA ALA A 28 19.65 -10.58 39.66
C ALA A 28 18.48 -10.39 40.62
N GLY A 29 17.28 -10.68 40.11
CA GLY A 29 16.09 -10.61 40.93
C GLY A 29 15.81 -9.23 41.45
N GLU A 30 15.90 -8.23 40.58
CA GLU A 30 15.76 -6.84 40.98
C GLU A 30 14.77 -6.15 40.06
N TRP A 31 13.70 -5.63 40.64
CA TRP A 31 12.65 -4.93 39.92
C TRP A 31 12.85 -3.43 40.13
N VAL A 32 13.06 -2.69 39.04
CA VAL A 32 13.36 -1.28 39.12
C VAL A 32 12.44 -0.51 38.19
N GLN A 33 12.23 0.77 38.51
CA GLN A 33 11.41 1.66 37.71
C GLN A 33 12.15 2.97 37.51
N ILE A 34 12.20 3.45 36.28
CA ILE A 34 12.85 4.71 35.95
C ILE A 34 11.80 5.80 36.12
N THR A 35 11.75 6.37 37.32
CA THR A 35 10.79 7.41 37.62
C THR A 35 11.19 8.71 36.93
N GLY A 36 10.20 9.45 36.45
CA GLY A 36 10.44 10.72 35.81
C GLY A 36 9.15 11.31 35.31
N SER A 37 9.20 12.60 35.02
CA SER A 37 8.04 13.31 34.51
C SER A 37 7.88 13.04 33.02
N ASN A 38 6.99 13.77 32.37
CA ASN A 38 6.70 13.58 30.95
C ASN A 38 7.58 14.53 30.16
N GLY A 39 8.64 14.01 29.57
CA GLY A 39 9.60 14.83 28.85
C GLY A 39 11.01 14.62 29.33
N ALA A 40 11.16 13.95 30.47
CA ALA A 40 12.48 13.61 31.00
C ALA A 40 13.16 12.60 30.08
N GLY A 41 14.38 12.23 30.43
CA GLY A 41 15.12 11.29 29.59
C GLY A 41 14.90 9.84 29.96
N LYS A 42 13.64 9.41 30.04
CA LYS A 42 13.36 8.03 30.43
C LYS A 42 13.51 7.08 29.25
N THR A 43 12.87 7.39 28.12
CA THR A 43 13.04 6.56 26.93
C THR A 43 14.48 6.63 26.44
N THR A 44 15.10 7.81 26.53
CA THR A 44 16.50 7.93 26.15
C THR A 44 17.38 7.01 26.98
N LEU A 45 17.18 6.99 28.30
CA LEU A 45 17.97 6.12 29.16
C LEU A 45 17.76 4.66 28.83
N LEU A 46 16.52 4.28 28.53
CA LEU A 46 16.24 2.88 28.20
C LEU A 46 16.92 2.46 26.91
N ARG A 47 16.96 3.35 25.92
CA ARG A 47 17.63 3.04 24.66
C ARG A 47 19.15 2.96 24.84
N LEU A 48 19.70 3.74 25.76
CA LEU A 48 21.10 3.57 26.13
C LEU A 48 21.33 2.22 26.78
N LEU A 49 20.39 1.77 27.61
CA LEU A 49 20.55 0.50 28.30
C LEU A 49 20.48 -0.69 27.34
N THR A 50 19.68 -0.58 26.28
CA THR A 50 19.60 -1.64 25.29
C THR A 50 20.71 -1.57 24.25
N GLY A 51 21.50 -0.51 24.25
CA GLY A 51 22.56 -0.35 23.27
C GLY A 51 22.13 0.25 21.96
N LEU A 52 20.85 0.58 21.79
CA LEU A 52 20.39 1.18 20.54
C LEU A 52 20.98 2.58 20.33
N SER A 53 21.29 3.28 21.42
CA SER A 53 21.84 4.62 21.34
C SER A 53 23.12 4.69 22.16
N ARG A 54 24.17 5.24 21.56
CA ARG A 54 25.42 5.43 22.26
C ARG A 54 25.30 6.61 23.23
N PRO A 55 25.83 6.48 24.44
CA PRO A 55 25.78 7.61 25.39
C PRO A 55 26.64 8.77 24.91
N ASP A 56 26.23 9.97 25.32
CA ASP A 56 27.05 11.15 25.04
C ASP A 56 28.39 11.07 25.75
N ALA A 57 28.39 10.65 27.02
CA ALA A 57 29.62 10.52 27.79
C ALA A 57 29.34 9.52 28.91
N GLY A 58 29.82 8.30 28.72
CA GLY A 58 29.57 7.23 29.67
C GLY A 58 29.55 5.90 28.95
N GLU A 59 29.25 4.86 29.72
CA GLU A 59 29.18 3.53 29.14
C GLU A 59 28.28 2.65 29.98
N VAL A 60 27.64 1.69 29.30
CA VAL A 60 26.83 0.66 29.94
C VAL A 60 27.52 -0.68 29.74
N LEU A 61 27.52 -1.49 30.80
CA LEU A 61 28.26 -2.74 30.82
C LEU A 61 27.32 -3.90 31.10
N TRP A 62 27.46 -4.98 30.35
CA TRP A 62 26.75 -6.23 30.60
C TRP A 62 27.76 -7.30 31.01
N GLN A 63 27.59 -7.84 32.20
CA GLN A 63 28.48 -8.85 32.79
C GLN A 63 29.90 -8.35 32.98
N GLY A 64 30.15 -7.05 32.79
CA GLY A 64 31.47 -6.48 32.98
C GLY A 64 32.10 -5.95 31.71
N GLN A 65 31.50 -6.17 30.55
CA GLN A 65 32.05 -5.69 29.29
C GLN A 65 31.07 -4.74 28.62
N PRO A 66 31.57 -3.79 27.85
CA PRO A 66 30.68 -2.85 27.16
C PRO A 66 29.75 -3.55 26.18
N LEU A 67 28.57 -2.96 25.98
CA LEU A 67 27.55 -3.58 25.16
C LEU A 67 28.00 -3.79 23.73
N HIS A 68 28.79 -2.88 23.17
CA HIS A 68 29.29 -3.08 21.82
C HIS A 68 30.34 -4.18 21.77
N GLN A 69 31.07 -4.38 22.86
CA GLN A 69 32.08 -5.43 22.89
C GLN A 69 31.47 -6.81 22.71
N VAL A 70 30.34 -7.06 23.36
CA VAL A 70 29.75 -8.39 23.33
C VAL A 70 28.65 -8.46 22.27
N ARG A 71 27.56 -7.71 22.46
CA ARG A 71 26.55 -7.48 21.43
C ARG A 71 25.89 -8.78 20.97
N ASP A 72 26.38 -9.91 21.43
CA ASP A 72 25.93 -11.21 20.98
C ASP A 72 25.43 -12.06 22.13
N SER A 73 26.12 -12.06 23.26
CA SER A 73 25.64 -12.66 24.48
C SER A 73 24.72 -11.74 25.26
N TYR A 74 24.61 -10.48 24.85
CA TYR A 74 23.70 -9.54 25.48
C TYR A 74 22.32 -9.59 24.84
N HIS A 75 22.25 -9.56 23.51
CA HIS A 75 20.97 -9.70 22.82
C HIS A 75 20.36 -11.08 23.05
N GLN A 76 21.18 -12.08 23.40
CA GLN A 76 20.66 -13.42 23.63
C GLN A 76 19.71 -13.45 24.81
N ASN A 77 20.06 -12.77 25.90
CA ASN A 77 19.18 -12.63 27.06
C ASN A 77 18.89 -11.15 27.25
N LEU A 78 17.92 -10.65 26.49
CA LEU A 78 17.46 -9.27 26.56
C LEU A 78 16.14 -9.14 25.81
N LEU A 79 15.14 -8.54 26.45
CA LEU A 79 13.83 -8.32 25.85
C LEU A 79 13.43 -6.88 26.10
N TRP A 80 13.37 -6.08 25.04
CA TRP A 80 12.99 -4.68 25.16
C TRP A 80 11.76 -4.43 24.32
N ILE A 81 10.73 -3.85 24.94
CA ILE A 81 9.52 -3.42 24.23
C ILE A 81 9.35 -1.94 24.50
N GLY A 82 9.44 -1.14 23.44
CA GLY A 82 9.40 0.31 23.56
C GLY A 82 8.02 0.88 23.33
N HIS A 83 8.00 2.19 23.08
CA HIS A 83 6.73 2.84 22.78
C HIS A 83 6.11 2.28 21.51
N GLN A 84 6.93 2.01 20.50
CA GLN A 84 6.47 1.27 19.33
C GLN A 84 6.63 -0.22 19.60
N PRO A 85 5.57 -1.01 19.56
CA PRO A 85 5.68 -2.41 20.01
C PRO A 85 6.64 -3.25 19.19
N GLY A 86 6.91 -2.88 17.94
CA GLY A 86 7.83 -3.65 17.13
C GLY A 86 7.21 -4.87 16.50
N ILE A 87 5.96 -4.78 16.07
CA ILE A 87 5.24 -5.89 15.45
C ILE A 87 4.76 -5.47 14.08
N LYS A 88 4.90 -6.36 13.11
CA LYS A 88 4.38 -6.11 11.76
C LYS A 88 2.86 -6.04 11.83
N THR A 89 2.29 -4.95 11.34
CA THR A 89 0.87 -4.72 11.55
C THR A 89 -0.03 -5.47 10.56
N ARG A 90 0.53 -6.00 9.46
CA ARG A 90 -0.31 -6.77 8.56
C ARG A 90 -0.32 -8.26 8.91
N LEU A 91 0.72 -8.76 9.57
CA LEU A 91 0.72 -10.15 9.98
C LEU A 91 -0.29 -10.40 11.10
N THR A 92 -0.77 -11.63 11.17
CA THR A 92 -1.67 -12.01 12.25
C THR A 92 -0.91 -12.07 13.56
N ALA A 93 -1.65 -12.09 14.66
CA ALA A 93 -1.04 -12.10 15.98
C ALA A 93 -0.16 -13.32 16.21
N LEU A 94 -0.43 -14.43 15.52
CA LEU A 94 0.36 -15.64 15.71
C LEU A 94 1.66 -15.59 14.93
N GLU A 95 1.58 -15.39 13.61
CA GLU A 95 2.80 -15.34 12.81
C GLU A 95 3.69 -14.16 13.18
N ASN A 96 3.12 -13.13 13.79
CA ASN A 96 3.93 -12.04 14.32
C ASN A 96 4.65 -12.45 15.60
N LEU A 97 3.96 -13.20 16.47
CA LEU A 97 4.60 -13.76 17.66
C LEU A 97 5.48 -14.95 17.31
N HIS A 98 5.15 -15.66 16.22
CA HIS A 98 5.97 -16.78 15.77
C HIS A 98 7.36 -16.33 15.38
N PHE A 99 7.50 -15.09 14.89
CA PHE A 99 8.80 -14.59 14.48
C PHE A 99 9.71 -14.33 15.66
N TYR A 100 9.16 -13.82 16.76
CA TYR A 100 9.95 -13.42 17.91
C TYR A 100 10.32 -14.57 18.83
N HIS A 101 9.71 -15.73 18.66
CA HIS A 101 10.02 -16.86 19.53
C HIS A 101 11.32 -17.51 19.10
N ARG A 102 11.90 -18.29 20.02
CA ARG A 102 13.12 -19.02 19.72
C ARG A 102 12.93 -19.98 18.57
N ASP A 103 11.90 -20.82 18.65
CA ASP A 103 11.64 -21.81 17.60
C ASP A 103 10.23 -21.75 17.03
N GLY A 104 9.30 -21.05 17.66
CA GLY A 104 7.94 -20.98 17.18
C GLY A 104 7.22 -22.31 17.20
N ASP A 105 7.12 -22.92 18.37
CA ASP A 105 6.50 -24.23 18.48
C ASP A 105 5.02 -24.21 18.12
N THR A 106 4.39 -23.04 18.16
CA THR A 106 2.99 -22.83 17.80
C THR A 106 2.07 -23.52 18.80
N ALA A 107 2.66 -24.31 19.70
CA ALA A 107 1.95 -24.80 20.87
C ALA A 107 2.23 -23.96 22.10
N GLN A 108 3.33 -23.22 22.09
CA GLN A 108 3.63 -22.22 23.11
C GLN A 108 3.28 -20.82 22.68
N CYS A 109 3.33 -20.54 21.37
CA CYS A 109 2.88 -19.23 20.87
C CYS A 109 1.38 -19.04 21.09
N LEU A 110 0.59 -20.08 20.86
CA LEU A 110 -0.83 -20.00 21.17
C LEU A 110 -1.07 -19.91 22.67
N GLU A 111 -0.28 -20.64 23.46
CA GLU A 111 -0.40 -20.57 24.91
C GLU A 111 -0.04 -19.19 25.42
N ALA A 112 1.03 -18.58 24.87
CA ALA A 112 1.43 -17.25 25.29
C ALA A 112 0.37 -16.21 24.93
N LEU A 113 -0.21 -16.32 23.73
CA LEU A 113 -1.25 -15.38 23.34
C LEU A 113 -2.47 -15.52 24.23
N ALA A 114 -2.83 -16.75 24.60
CA ALA A 114 -3.93 -16.95 25.53
C ALA A 114 -3.58 -16.41 26.92
N GLN A 115 -2.33 -16.60 27.35
CA GLN A 115 -1.90 -16.07 28.64
C GLN A 115 -1.83 -14.55 28.65
N ALA A 116 -1.63 -13.92 27.49
CA ALA A 116 -1.61 -12.48 27.37
C ALA A 116 -3.00 -11.89 27.20
N GLY A 117 -4.04 -12.71 27.29
CA GLY A 117 -5.40 -12.25 27.12
C GLY A 117 -5.86 -12.14 25.68
N LEU A 118 -5.02 -12.52 24.73
CA LEU A 118 -5.36 -12.41 23.31
C LEU A 118 -5.82 -13.77 22.77
N ALA A 119 -6.81 -14.34 23.44
CA ALA A 119 -7.32 -15.66 23.08
C ALA A 119 -8.47 -15.52 22.09
N GLY A 120 -8.40 -16.27 20.99
CA GLY A 120 -9.36 -16.15 19.92
C GLY A 120 -8.99 -15.13 18.86
N PHE A 121 -7.94 -14.35 19.07
CA PHE A 121 -7.48 -13.35 18.12
C PHE A 121 -6.10 -13.70 17.56
N GLU A 122 -5.79 -14.99 17.47
CA GLU A 122 -4.48 -15.42 16.99
C GLU A 122 -4.34 -15.26 15.48
N ASP A 123 -5.39 -15.56 14.72
CA ASP A 123 -5.30 -15.57 13.27
C ASP A 123 -5.85 -14.31 12.62
N ILE A 124 -6.35 -13.36 13.40
CA ILE A 124 -6.81 -12.09 12.84
C ILE A 124 -5.60 -11.17 12.67
N PRO A 125 -5.46 -10.50 11.51
CA PRO A 125 -4.34 -9.57 11.34
C PRO A 125 -4.36 -8.50 12.42
N VAL A 126 -3.17 -8.17 12.92
CA VAL A 126 -3.08 -7.32 14.11
C VAL A 126 -3.47 -5.88 13.80
N ASN A 127 -3.49 -5.48 12.53
CA ASN A 127 -4.02 -4.16 12.21
C ASN A 127 -5.51 -4.05 12.53
N GLN A 128 -6.21 -5.19 12.59
CA GLN A 128 -7.59 -5.22 13.03
C GLN A 128 -7.74 -5.32 14.55
N LEU A 129 -6.67 -5.67 15.26
CA LEU A 129 -6.70 -5.63 16.71
C LEU A 129 -6.77 -4.18 17.18
N SER A 130 -7.49 -3.95 18.27
CA SER A 130 -8.00 -2.61 18.52
C SER A 130 -6.95 -1.54 18.81
N ALA A 131 -6.44 -1.49 20.04
CA ALA A 131 -5.29 -0.64 20.34
C ALA A 131 -4.42 -1.28 21.41
N GLY A 132 -5.03 -2.10 22.25
CA GLY A 132 -4.34 -2.74 23.36
C GLY A 132 -4.18 -4.21 23.04
N GLN A 133 -5.06 -4.71 22.17
CA GLN A 133 -4.84 -6.03 21.59
C GLN A 133 -3.60 -6.03 20.71
N GLN A 134 -3.34 -4.93 20.01
CA GLN A 134 -2.07 -4.78 19.30
C GLN A 134 -0.91 -4.71 20.29
N ARG A 135 -1.09 -4.01 21.40
CA ARG A 135 -0.04 -3.94 22.41
C ARG A 135 0.15 -5.27 23.12
N ARG A 136 -0.90 -6.09 23.18
CA ARG A 136 -0.79 -7.39 23.82
C ARG A 136 -0.03 -8.39 22.97
N VAL A 137 0.11 -8.14 21.67
CA VAL A 137 0.90 -9.03 20.82
C VAL A 137 2.38 -8.95 21.21
N ALA A 138 2.89 -7.73 21.36
CA ALA A 138 4.27 -7.57 21.79
C ALA A 138 4.45 -8.03 23.24
N LEU A 139 3.45 -7.78 24.08
CA LEU A 139 3.52 -8.20 25.47
C LEU A 139 3.29 -9.69 25.65
N ALA A 140 2.83 -10.39 24.61
CA ALA A 140 2.71 -11.84 24.70
C ALA A 140 4.06 -12.53 24.71
N ARG A 141 5.11 -11.85 24.25
CA ARG A 141 6.46 -12.39 24.32
C ARG A 141 6.96 -12.52 25.74
N LEU A 142 6.28 -11.93 26.70
CA LEU A 142 6.73 -12.01 28.09
C LEU A 142 6.58 -13.43 28.63
N TRP A 143 5.66 -14.21 28.05
CA TRP A 143 5.44 -15.59 28.46
C TRP A 143 6.23 -16.59 27.64
N LEU A 144 6.97 -16.14 26.62
CA LEU A 144 7.81 -16.99 25.81
C LEU A 144 9.30 -16.82 26.06
N THR A 145 9.74 -15.60 26.32
CA THR A 145 11.17 -15.30 26.33
C THR A 145 11.88 -16.01 27.48
N ARG A 146 13.08 -16.51 27.19
CA ARG A 146 14.00 -17.01 28.20
C ARG A 146 15.01 -15.95 28.62
N ALA A 147 14.84 -14.71 28.15
CA ALA A 147 15.75 -13.64 28.50
C ALA A 147 15.69 -13.33 29.98
N THR A 148 16.84 -13.00 30.57
CA THR A 148 16.93 -12.66 31.97
C THR A 148 16.82 -11.17 32.23
N LEU A 149 16.62 -10.36 31.19
CA LEU A 149 16.56 -8.92 31.33
C LEU A 149 15.41 -8.39 30.50
N TRP A 150 14.47 -7.70 31.15
CA TRP A 150 13.32 -7.12 30.48
C TRP A 150 13.43 -5.60 30.53
N ILE A 151 13.30 -4.96 29.38
CA ILE A 151 13.32 -3.51 29.26
C ILE A 151 11.97 -3.08 28.71
N LEU A 152 11.11 -2.53 29.55
CA LEU A 152 9.75 -2.20 29.15
C LEU A 152 9.54 -0.69 29.23
N ASP A 153 9.08 -0.10 28.13
CA ASP A 153 8.82 1.33 28.03
C ASP A 153 7.31 1.52 27.99
N GLU A 154 6.72 1.82 29.14
CA GLU A 154 5.29 1.99 29.30
C GLU A 154 4.53 0.78 28.75
N PRO A 155 4.61 -0.37 29.42
CA PRO A 155 3.89 -1.55 28.94
C PRO A 155 2.39 -1.52 29.17
N PHE A 156 1.88 -0.57 29.96
CA PHE A 156 0.46 -0.43 30.21
C PHE A 156 -0.17 0.68 29.39
N THR A 157 0.33 0.91 28.17
CA THR A 157 -0.08 2.09 27.41
C THR A 157 -1.56 2.05 27.05
N ALA A 158 -2.08 0.88 26.68
CA ALA A 158 -3.48 0.78 26.28
C ALA A 158 -4.12 -0.48 26.84
N ILE A 159 -3.62 -0.98 27.98
CA ILE A 159 -4.06 -2.24 28.55
C ILE A 159 -5.10 -1.95 29.61
N ASP A 160 -6.12 -2.81 29.70
CA ASP A 160 -7.21 -2.61 30.64
C ASP A 160 -6.76 -2.94 32.06
N VAL A 161 -7.70 -2.88 32.99
CA VAL A 161 -7.38 -3.11 34.40
C VAL A 161 -6.98 -4.56 34.63
N ASN A 162 -7.60 -5.50 33.91
CA ASN A 162 -7.24 -6.90 34.08
C ASN A 162 -5.90 -7.22 33.42
N GLY A 163 -5.66 -6.67 32.23
CA GLY A 163 -4.39 -6.91 31.56
C GLY A 163 -3.22 -6.31 32.30
N VAL A 164 -3.43 -5.15 32.93
CA VAL A 164 -2.38 -4.55 33.75
C VAL A 164 -2.07 -5.43 34.95
N ASP A 165 -3.11 -6.00 35.57
CA ASP A 165 -2.89 -6.89 36.71
C ASP A 165 -2.16 -8.15 36.29
N ARG A 166 -2.50 -8.70 35.11
CA ARG A 166 -1.82 -9.90 34.64
C ARG A 166 -0.38 -9.61 34.23
N LEU A 167 -0.14 -8.45 33.64
CA LEU A 167 1.23 -8.04 33.33
C LEU A 167 2.05 -7.83 34.60
N THR A 168 1.45 -7.18 35.60
CA THR A 168 2.17 -6.94 36.85
C THR A 168 2.48 -8.24 37.57
N GLN A 169 1.56 -9.20 37.53
CA GLN A 169 1.81 -10.50 38.16
C GLN A 169 2.84 -11.30 37.39
N ARG A 170 2.88 -11.17 36.07
CA ARG A 170 3.91 -11.83 35.28
C ARG A 170 5.29 -11.25 35.56
N MET A 171 5.38 -9.92 35.64
CA MET A 171 6.66 -9.29 35.94
C MET A 171 7.12 -9.60 37.35
N ALA A 172 6.19 -9.84 38.28
CA ALA A 172 6.58 -10.11 39.65
C ALA A 172 7.31 -11.44 39.77
N GLN A 173 6.77 -12.49 39.16
CA GLN A 173 7.37 -13.81 39.31
C GLN A 173 8.66 -13.94 38.51
N HIS A 174 8.79 -13.18 37.42
CA HIS A 174 10.04 -13.19 36.65
C HIS A 174 11.19 -12.67 37.50
N THR A 175 10.97 -11.60 38.25
CA THR A 175 12.01 -11.07 39.12
C THR A 175 12.20 -11.90 40.37
N GLU A 176 11.27 -12.79 40.70
CA GLU A 176 11.44 -13.66 41.86
C GLU A 176 12.44 -14.77 41.58
N GLN A 177 12.56 -15.22 40.34
CA GLN A 177 13.47 -16.32 40.05
C GLN A 177 14.90 -15.84 39.86
N GLY A 178 15.16 -15.11 38.77
CA GLY A 178 16.43 -14.44 38.60
C GLY A 178 16.35 -13.18 37.79
N GLY A 179 15.16 -12.83 37.34
CA GLY A 179 15.03 -11.85 36.29
C GLY A 179 15.22 -10.43 36.74
N ILE A 180 15.44 -9.55 35.76
CA ILE A 180 15.58 -8.12 35.97
C ILE A 180 14.57 -7.42 35.07
N VAL A 181 13.77 -6.53 35.65
CA VAL A 181 12.77 -5.77 34.90
C VAL A 181 13.02 -4.30 35.14
N ILE A 182 13.38 -3.58 34.09
CA ILE A 182 13.51 -2.13 34.12
C ILE A 182 12.28 -1.53 33.45
N LEU A 183 11.59 -0.66 34.17
CA LEU A 183 10.24 -0.25 33.83
C LEU A 183 10.13 1.27 33.84
N THR A 184 9.25 1.79 32.99
CA THR A 184 8.88 3.20 32.98
C THR A 184 7.36 3.26 32.81
N THR A 185 6.64 3.45 33.91
CA THR A 185 5.18 3.53 33.85
C THR A 185 4.71 4.82 34.52
N HIS A 186 3.85 5.56 33.83
CA HIS A 186 3.17 6.69 34.43
C HIS A 186 2.01 6.25 35.32
N GLN A 187 1.48 5.05 35.10
CA GLN A 187 0.48 4.48 35.98
C GLN A 187 1.17 3.80 37.16
N PRO A 188 0.86 4.17 38.40
CA PRO A 188 1.53 3.54 39.53
C PRO A 188 1.29 2.04 39.57
N LEU A 189 2.33 1.31 39.95
CA LEU A 189 2.23 -0.15 40.03
C LEU A 189 1.43 -0.56 41.25
N ASN A 190 0.63 -1.62 41.10
CA ASN A 190 -0.14 -2.18 42.20
C ASN A 190 0.64 -3.26 42.93
N VAL A 191 1.86 -2.93 43.35
CA VAL A 191 2.76 -3.85 44.01
C VAL A 191 3.37 -3.14 45.21
N ALA A 192 3.93 -3.93 46.12
CA ALA A 192 4.50 -3.37 47.34
C ALA A 192 5.66 -2.44 47.02
N GLU A 193 5.81 -1.41 47.85
CA GLU A 193 6.86 -0.41 47.63
C GLU A 193 8.25 -1.02 47.79
N SER A 194 8.39 -1.98 48.71
CA SER A 194 9.69 -2.58 48.98
C SER A 194 10.18 -3.45 47.82
N LYS A 195 9.30 -3.80 46.88
CA LYS A 195 9.67 -4.65 45.76
C LYS A 195 10.15 -3.88 44.54
N ILE A 196 10.12 -2.54 44.59
CA ILE A 196 10.50 -1.71 43.46
C ILE A 196 11.65 -0.81 43.89
N ARG A 197 12.72 -0.81 43.11
CA ARG A 197 13.84 0.10 43.32
C ARG A 197 13.69 1.24 42.33
N ARG A 198 13.28 2.40 42.85
CA ARG A 198 13.09 3.58 42.01
C ARG A 198 14.41 4.34 41.90
N ILE A 199 14.87 4.55 40.68
CA ILE A 199 16.05 5.37 40.41
C ILE A 199 15.62 6.53 39.53
N SER A 200 16.01 7.73 39.92
CA SER A 200 15.63 8.95 39.22
C SER A 200 16.76 9.41 38.31
N LEU A 201 16.51 10.50 37.60
CA LEU A 201 17.46 11.07 36.66
C LEU A 201 18.04 12.33 37.29
N THR A 202 19.26 12.22 37.80
CA THR A 202 19.90 13.33 38.48
C THR A 202 21.29 13.62 37.91
N MET B 1 19.02 -14.45 15.78
CA MET B 1 19.16 -15.84 15.39
C MET B 1 18.44 -16.13 14.07
N MET B 2 18.99 -17.08 13.30
CA MET B 2 18.31 -17.69 12.16
C MET B 2 17.90 -16.64 11.12
N PHE B 3 18.95 -16.15 10.47
CA PHE B 3 18.94 -15.32 9.26
C PHE B 3 17.81 -15.67 8.31
N TRP B 4 17.62 -16.98 8.05
CA TRP B 4 16.60 -17.40 7.10
C TRP B 4 15.20 -17.07 7.59
N ARG B 5 14.98 -17.03 8.90
CA ARG B 5 13.68 -16.59 9.39
C ARG B 5 13.41 -15.14 9.02
N ILE B 6 14.42 -14.27 9.12
CA ILE B 6 14.26 -12.89 8.70
C ILE B 6 13.97 -12.82 7.20
N PHE B 7 14.69 -13.62 6.41
CA PHE B 7 14.44 -13.65 4.97
C PHE B 7 13.00 -14.03 4.66
N ARG B 8 12.51 -15.10 5.30
CA ARG B 8 11.15 -15.55 5.08
C ARG B 8 10.12 -14.54 5.59
N LEU B 9 10.43 -13.82 6.68
CA LEU B 9 9.53 -12.80 7.18
C LEU B 9 9.39 -11.66 6.18
N GLU B 10 10.51 -11.20 5.62
CA GLU B 10 10.45 -10.14 4.62
C GLU B 10 9.76 -10.62 3.35
N LEU B 11 9.85 -11.91 3.04
CA LEU B 11 9.06 -12.45 1.94
C LEU B 11 7.57 -12.43 2.27
N ARG B 12 7.20 -12.79 3.50
CA ARG B 12 5.80 -12.87 3.90
C ARG B 12 5.15 -11.49 3.90
N VAL B 13 5.85 -10.46 4.41
CA VAL B 13 5.26 -9.13 4.43
C VAL B 13 5.06 -8.55 3.05
N ALA B 14 5.71 -9.12 2.02
CA ALA B 14 5.53 -8.67 0.65
C ALA B 14 4.35 -9.34 -0.03
N PHE B 15 4.31 -10.67 -0.02
CA PHE B 15 3.23 -11.43 -0.62
C PHE B 15 2.34 -12.01 0.48
N ARG B 16 1.08 -11.60 0.50
CA ARG B 16 0.14 -12.03 1.52
C ARG B 16 -0.88 -13.04 1.00
N HIS B 17 -1.00 -13.19 -0.31
CA HIS B 17 -1.74 -14.26 -0.94
C HIS B 17 -0.98 -14.72 -2.18
N SER B 18 -1.30 -15.93 -2.65
CA SER B 18 -0.63 -16.46 -3.82
C SER B 18 -0.92 -15.65 -5.08
N ALA B 19 -2.00 -14.87 -5.09
CA ALA B 19 -2.32 -14.04 -6.24
C ALA B 19 -1.40 -12.84 -6.38
N GLU B 20 -0.79 -12.37 -5.28
CA GLU B 20 0.10 -11.22 -5.33
C GLU B 20 1.51 -11.57 -5.80
N ILE B 21 1.81 -12.84 -6.02
CA ILE B 21 3.12 -13.23 -6.51
C ILE B 21 3.32 -12.71 -7.94
N ALA B 22 2.25 -12.67 -8.73
CA ALA B 22 2.33 -12.23 -10.11
C ALA B 22 2.21 -10.72 -10.27
N ASN B 23 2.02 -9.97 -9.18
CA ASN B 23 1.90 -8.52 -9.30
C ASN B 23 3.14 -7.86 -9.89
N PRO B 24 4.37 -8.19 -9.47
CA PRO B 24 5.53 -7.59 -10.14
C PRO B 24 5.60 -7.92 -11.62
N LEU B 25 5.16 -9.11 -12.03
CA LEU B 25 5.12 -9.45 -13.44
C LEU B 25 4.20 -8.50 -14.21
N TRP B 26 3.02 -8.22 -13.65
CA TRP B 26 2.10 -7.29 -14.29
C TRP B 26 2.68 -5.88 -14.32
N PHE B 27 3.36 -5.47 -13.25
CA PHE B 27 3.99 -4.16 -13.22
C PHE B 27 5.03 -4.04 -14.34
N PHE B 28 5.87 -5.05 -14.49
CA PHE B 28 6.88 -5.02 -15.53
C PHE B 28 6.23 -5.02 -16.91
N LEU B 29 5.16 -5.78 -17.09
CA LEU B 29 4.48 -5.80 -18.38
C LEU B 29 3.89 -4.44 -18.72
N ILE B 30 3.28 -3.77 -17.74
CA ILE B 30 2.71 -2.44 -17.99
C ILE B 30 3.81 -1.44 -18.32
N VAL B 31 4.92 -1.48 -17.57
CA VAL B 31 6.02 -0.55 -17.84
C VAL B 31 6.59 -0.78 -19.22
N ILE B 32 6.73 -2.05 -19.63
CA ILE B 32 7.21 -2.35 -20.98
C ILE B 32 6.23 -1.80 -22.02
N THR B 33 4.93 -2.00 -21.79
CA THR B 33 3.92 -1.55 -22.74
C THR B 33 3.92 -0.03 -22.88
N LEU B 34 4.32 0.68 -21.81
CA LEU B 34 4.28 2.14 -21.85
C LEU B 34 5.14 2.72 -22.97
N PHE B 35 6.18 2.00 -23.40
CA PHE B 35 7.15 2.56 -24.33
C PHE B 35 6.71 2.53 -25.79
N PRO B 36 6.12 1.45 -26.30
CA PRO B 36 5.56 1.51 -27.67
C PRO B 36 4.49 2.58 -27.82
N LEU B 37 3.71 2.83 -26.79
CA LEU B 37 2.65 3.85 -26.86
C LEU B 37 3.21 5.25 -27.00
N SER B 38 4.49 5.45 -26.68
CA SER B 38 5.12 6.76 -26.75
C SER B 38 6.12 6.86 -27.90
N ILE B 39 7.05 5.93 -27.99
CA ILE B 39 8.03 5.96 -29.08
C ILE B 39 7.36 5.61 -30.41
N GLY B 40 6.47 4.62 -30.40
CA GLY B 40 5.84 4.14 -31.60
C GLY B 40 5.83 2.62 -31.65
N PRO B 41 5.11 2.05 -32.62
CA PRO B 41 5.00 0.59 -32.71
C PRO B 41 6.04 -0.08 -33.57
N GLU B 42 6.99 0.66 -34.15
CA GLU B 42 7.98 0.05 -35.02
C GLU B 42 8.86 -0.89 -34.21
N PRO B 43 9.08 -2.13 -34.66
CA PRO B 43 9.85 -3.08 -33.85
C PRO B 43 11.35 -2.89 -33.94
N GLN B 44 11.87 -2.29 -35.01
CA GLN B 44 13.31 -2.08 -35.12
C GLN B 44 13.78 -1.03 -34.11
N LEU B 45 13.01 0.05 -33.93
CA LEU B 45 13.40 1.07 -32.96
C LEU B 45 13.22 0.57 -31.53
N LEU B 46 12.22 -0.27 -31.28
CA LEU B 46 12.05 -0.82 -29.94
C LEU B 46 13.21 -1.73 -29.56
N ALA B 47 13.89 -2.33 -30.54
CA ALA B 47 15.03 -3.18 -30.25
C ALA B 47 16.25 -2.36 -29.86
N ARG B 48 16.51 -1.26 -30.57
CA ARG B 48 17.62 -0.37 -30.22
C ARG B 48 17.36 0.35 -28.91
N ILE B 49 16.10 0.51 -28.53
CA ILE B 49 15.74 1.18 -27.28
C ILE B 49 15.63 0.19 -26.13
N ALA B 50 15.62 -1.11 -26.42
CA ALA B 50 15.29 -2.13 -25.42
C ALA B 50 16.19 -2.12 -24.18
N PRO B 51 17.52 -1.97 -24.27
CA PRO B 51 18.31 -1.92 -23.02
C PRO B 51 17.85 -0.83 -22.07
N GLY B 52 17.58 0.36 -22.60
CA GLY B 52 17.08 1.43 -21.75
C GLY B 52 15.74 1.10 -21.13
N ILE B 53 14.82 0.52 -21.92
CA ILE B 53 13.52 0.16 -21.39
C ILE B 53 13.67 -0.80 -20.22
N ILE B 54 14.45 -1.87 -20.44
CA ILE B 54 14.58 -2.91 -19.43
C ILE B 54 15.22 -2.37 -18.17
N TRP B 55 16.28 -1.58 -18.32
CA TRP B 55 16.98 -1.13 -17.12
C TRP B 55 16.25 0.02 -16.42
N VAL B 56 15.48 0.83 -17.14
CA VAL B 56 14.61 1.78 -16.49
C VAL B 56 13.53 1.07 -15.68
N ALA B 57 12.96 0.00 -16.24
CA ALA B 57 11.98 -0.78 -15.47
C ALA B 57 12.61 -1.39 -14.23
N ALA B 58 13.81 -1.95 -14.37
CA ALA B 58 14.49 -2.54 -13.22
C ALA B 58 14.79 -1.49 -12.15
N LEU B 59 15.29 -0.32 -12.57
CA LEU B 59 15.57 0.76 -11.62
C LEU B 59 14.30 1.22 -10.92
N LEU B 60 13.21 1.35 -11.67
CA LEU B 60 11.95 1.78 -11.06
C LEU B 60 11.46 0.78 -10.03
N SER B 61 11.51 -0.53 -10.36
CA SER B 61 11.08 -1.53 -9.40
C SER B 61 11.96 -1.53 -8.16
N SER B 62 13.27 -1.41 -8.34
CA SER B 62 14.18 -1.38 -7.21
C SER B 62 13.92 -0.15 -6.33
N LEU B 63 13.69 1.00 -6.94
CA LEU B 63 13.40 2.21 -6.17
C LEU B 63 12.10 2.07 -5.41
N LEU B 64 11.08 1.52 -6.05
CA LEU B 64 9.80 1.34 -5.36
C LEU B 64 9.95 0.40 -4.16
N ALA B 65 10.66 -0.70 -4.33
CA ALA B 65 10.78 -1.67 -3.25
C ALA B 65 11.80 -1.26 -2.19
N LEU B 66 12.69 -0.31 -2.49
CA LEU B 66 13.67 0.11 -1.48
C LEU B 66 13.02 0.93 -0.39
N GLU B 67 11.99 1.71 -0.71
CA GLU B 67 11.29 2.48 0.32
C GLU B 67 10.60 1.55 1.31
N ARG B 68 10.02 0.46 0.81
CA ARG B 68 9.38 -0.50 1.69
C ARG B 68 10.38 -1.25 2.57
N LEU B 69 11.67 -1.23 2.20
CA LEU B 69 12.66 -2.05 2.89
C LEU B 69 12.87 -1.58 4.33
N PHE B 70 13.12 -0.29 4.52
CA PHE B 70 13.49 0.22 5.84
C PHE B 70 12.47 1.20 6.42
N ARG B 71 11.80 1.98 5.57
CA ARG B 71 10.92 3.03 6.08
C ARG B 71 9.79 2.49 6.92
N ASP B 72 9.16 1.39 6.49
CA ASP B 72 8.05 0.83 7.23
C ASP B 72 8.47 0.24 8.57
N ASP B 73 9.76 0.00 8.77
CA ASP B 73 10.24 -0.61 10.00
C ASP B 73 10.50 0.41 11.10
N LEU B 74 10.79 1.66 10.73
CA LEU B 74 11.03 2.68 11.75
C LEU B 74 9.78 2.95 12.59
N GLN B 75 8.60 2.95 11.95
CA GLN B 75 7.37 3.21 12.71
C GLN B 75 7.13 2.14 13.77
N ASP B 76 7.40 0.87 13.44
CA ASP B 76 7.17 -0.19 14.41
C ASP B 76 8.45 -0.91 14.82
N GLY B 77 9.15 -1.56 13.89
CA GLY B 77 10.13 -2.56 14.29
C GLY B 77 11.45 -2.60 13.54
N SER B 78 12.02 -1.45 13.20
CA SER B 78 13.40 -1.42 12.73
C SER B 78 14.34 -1.92 13.83
N LEU B 79 14.06 -1.53 15.06
CA LEU B 79 14.69 -2.13 16.22
C LEU B 79 14.12 -3.54 16.38
N GLU B 80 14.42 -4.20 17.50
CA GLU B 80 14.18 -5.63 17.68
C GLU B 80 14.96 -6.47 16.68
N GLN B 81 15.78 -5.84 15.86
CA GLN B 81 16.77 -6.43 14.97
C GLN B 81 18.16 -5.88 15.26
N LEU B 82 18.27 -4.59 15.58
CA LEU B 82 19.48 -4.06 16.18
C LEU B 82 19.59 -4.51 17.62
N MET B 83 18.49 -4.41 18.37
CA MET B 83 18.45 -4.73 19.79
C MET B 83 18.43 -6.23 20.04
N LEU B 84 17.80 -6.99 19.16
CA LEU B 84 17.60 -8.42 19.30
C LEU B 84 18.37 -9.14 18.20
N LEU B 85 18.04 -10.42 18.03
CA LEU B 85 18.53 -11.17 16.89
C LEU B 85 20.05 -11.24 16.97
N PRO B 86 20.60 -12.07 17.86
CA PRO B 86 22.06 -12.10 18.07
C PRO B 86 22.90 -12.26 16.82
N LEU B 87 22.31 -12.52 15.66
CA LEU B 87 23.09 -12.44 14.43
C LEU B 87 23.43 -10.97 14.15
N PRO B 88 24.61 -10.67 13.63
CA PRO B 88 25.01 -9.28 13.43
C PRO B 88 24.07 -8.55 12.49
N LEU B 89 23.98 -7.23 12.69
CA LEU B 89 23.14 -6.39 11.84
C LEU B 89 23.46 -6.50 10.35
N PRO B 90 24.73 -6.63 9.92
CA PRO B 90 24.97 -6.88 8.49
C PRO B 90 24.25 -8.12 7.96
N ALA B 91 24.10 -9.16 8.77
CA ALA B 91 23.36 -10.34 8.33
C ALA B 91 21.88 -10.03 8.13
N VAL B 92 21.29 -9.26 9.03
CA VAL B 92 19.89 -8.86 8.87
C VAL B 92 19.73 -8.03 7.60
N VAL B 93 20.67 -7.12 7.37
CA VAL B 93 20.64 -6.30 6.16
C VAL B 93 20.74 -7.18 4.92
N LEU B 94 21.62 -8.17 4.95
CA LEU B 94 21.77 -9.07 3.80
C LEU B 94 20.48 -9.85 3.53
N ALA B 95 19.84 -10.34 4.58
CA ALA B 95 18.58 -11.07 4.40
C ALA B 95 17.51 -10.16 3.81
N LYS B 96 17.39 -8.93 4.32
CA LYS B 96 16.41 -8.01 3.78
C LYS B 96 16.72 -7.66 2.32
N VAL B 97 18.00 -7.51 1.99
CA VAL B 97 18.39 -7.15 0.63
C VAL B 97 18.09 -8.29 -0.34
N MET B 98 18.35 -9.53 0.05
CA MET B 98 18.01 -10.62 -0.85
C MET B 98 16.50 -10.83 -0.97
N ALA B 99 15.74 -10.55 0.10
CA ALA B 99 14.29 -10.55 -0.05
C ALA B 99 13.84 -9.48 -1.05
N HIS B 100 14.46 -8.30 -0.96
CA HIS B 100 14.15 -7.22 -1.89
C HIS B 100 14.48 -7.61 -3.32
N TRP B 101 15.61 -8.30 -3.52
CA TRP B 101 15.94 -8.78 -4.86
C TRP B 101 14.92 -9.81 -5.33
N MET B 102 14.54 -10.73 -4.45
CA MET B 102 13.63 -11.79 -4.86
C MET B 102 12.24 -11.25 -5.19
N VAL B 103 11.86 -10.11 -4.62
CA VAL B 103 10.59 -9.49 -5.00
C VAL B 103 10.74 -8.59 -6.23
N THR B 104 11.96 -8.21 -6.61
CA THR B 104 12.18 -7.36 -7.78
C THR B 104 13.03 -8.02 -8.85
N GLY B 105 14.17 -8.61 -8.48
CA GLY B 105 15.05 -9.19 -9.48
C GLY B 105 14.49 -10.43 -10.13
N LEU B 106 13.89 -11.33 -9.35
CA LEU B 106 13.31 -12.54 -9.93
C LEU B 106 12.20 -12.25 -10.92
N PRO B 107 11.21 -11.40 -10.63
CA PRO B 107 10.13 -11.20 -11.62
C PRO B 107 10.61 -10.72 -12.97
N LEU B 108 11.63 -9.87 -13.01
CA LEU B 108 12.14 -9.41 -14.29
C LEU B 108 12.97 -10.49 -14.99
N LEU B 109 13.65 -11.34 -14.22
CA LEU B 109 14.41 -12.44 -14.80
C LEU B 109 13.48 -13.55 -15.28
N ILE B 110 12.45 -13.85 -14.49
CA ILE B 110 11.50 -14.89 -14.87
C ILE B 110 10.72 -14.50 -16.12
N LEU B 111 10.31 -13.24 -16.19
CA LEU B 111 9.54 -12.73 -17.32
C LEU B 111 10.42 -12.30 -18.48
N SER B 112 11.73 -12.48 -18.40
CA SER B 112 12.62 -11.96 -19.43
C SER B 112 12.47 -12.73 -20.75
N PRO B 113 12.11 -14.02 -20.74
CA PRO B 113 11.72 -14.66 -22.01
C PRO B 113 10.63 -13.91 -22.75
N LEU B 114 9.60 -13.44 -22.04
CA LEU B 114 8.44 -12.84 -22.67
C LEU B 114 8.74 -11.42 -23.16
N VAL B 115 9.46 -10.63 -22.38
CA VAL B 115 9.76 -9.25 -22.77
C VAL B 115 10.92 -9.16 -23.74
N ALA B 116 11.58 -10.27 -24.04
CA ALA B 116 12.61 -10.28 -25.07
C ALA B 116 12.04 -10.48 -26.46
N MET B 117 10.74 -10.74 -26.58
CA MET B 117 10.10 -10.84 -27.88
C MET B 117 9.05 -9.76 -28.11
N LEU B 118 8.51 -9.15 -27.05
CA LEU B 118 7.71 -7.93 -27.24
C LEU B 118 8.55 -6.83 -27.84
N LEU B 119 9.78 -6.65 -27.34
CA LEU B 119 10.66 -5.62 -27.87
C LEU B 119 11.30 -6.03 -29.19
N GLY B 120 11.63 -7.31 -29.36
CA GLY B 120 12.16 -7.82 -30.60
C GLY B 120 13.59 -8.31 -30.56
N MET B 121 14.10 -8.73 -29.41
CA MET B 121 15.47 -9.19 -29.32
C MET B 121 15.58 -10.65 -29.75
N ASP B 122 16.79 -11.05 -30.13
CA ASP B 122 17.05 -12.43 -30.52
C ASP B 122 17.48 -13.23 -29.30
N VAL B 123 18.01 -14.43 -29.52
CA VAL B 123 18.39 -15.28 -28.38
C VAL B 123 19.61 -14.72 -27.68
N TYR B 124 20.62 -14.28 -28.44
CA TYR B 124 21.83 -13.74 -27.83
C TYR B 124 21.53 -12.48 -27.04
N GLY B 125 20.70 -11.59 -27.60
CA GLY B 125 20.29 -10.41 -26.87
C GLY B 125 19.58 -10.77 -25.58
N TRP B 126 18.69 -11.75 -25.64
CA TRP B 126 18.03 -12.21 -24.42
C TRP B 126 19.01 -12.85 -23.46
N GLN B 127 19.98 -13.61 -23.97
CA GLN B 127 20.96 -14.25 -23.10
C GLN B 127 21.74 -13.21 -22.31
N VAL B 128 22.20 -12.17 -23.00
CA VAL B 128 22.96 -11.11 -22.32
C VAL B 128 22.05 -10.30 -21.41
N MET B 129 20.81 -10.07 -21.82
CA MET B 129 19.83 -9.41 -20.95
C MET B 129 19.68 -10.15 -19.64
N ALA B 130 19.49 -11.46 -19.71
CA ALA B 130 19.31 -12.26 -18.50
C ALA B 130 20.59 -12.31 -17.68
N LEU B 131 21.75 -12.39 -18.33
CA LEU B 131 23.00 -12.49 -17.60
C LEU B 131 23.38 -11.17 -16.95
N THR B 132 22.90 -10.04 -17.45
CA THR B 132 23.09 -8.76 -16.78
C THR B 132 22.03 -8.47 -15.74
N LEU B 133 20.80 -8.96 -15.94
CA LEU B 133 19.79 -8.87 -14.90
C LEU B 133 20.14 -9.72 -13.70
N LEU B 134 20.67 -10.92 -13.93
CA LEU B 134 21.09 -11.76 -12.83
C LEU B 134 22.27 -11.15 -12.08
N LEU B 135 23.15 -10.44 -12.80
CA LEU B 135 24.38 -9.93 -12.24
C LEU B 135 24.28 -8.47 -11.81
N GLY B 136 23.27 -7.74 -12.26
CA GLY B 136 23.18 -6.32 -11.97
C GLY B 136 21.98 -5.92 -11.14
N THR B 137 20.87 -6.64 -11.28
CA THR B 137 19.70 -6.34 -10.45
C THR B 137 19.92 -6.56 -8.95
N PRO B 138 20.56 -7.64 -8.49
CA PRO B 138 20.83 -7.73 -7.04
C PRO B 138 21.67 -6.56 -6.52
N THR B 139 22.63 -6.08 -7.31
CA THR B 139 23.42 -4.93 -6.90
C THR B 139 22.54 -3.72 -6.64
N LEU B 140 21.48 -3.56 -7.45
CA LEU B 140 20.60 -2.40 -7.32
C LEU B 140 20.07 -2.26 -5.90
N GLY B 141 19.90 -3.39 -5.21
CA GLY B 141 19.51 -3.36 -3.81
C GLY B 141 20.65 -3.26 -2.83
N PHE B 142 21.89 -3.54 -3.25
CA PHE B 142 23.00 -3.42 -2.32
C PHE B 142 23.49 -1.98 -2.20
N LEU B 143 23.82 -1.32 -3.31
CA LEU B 143 24.34 0.03 -3.17
C LEU B 143 23.25 1.07 -2.97
N GLY B 144 21.98 0.69 -3.12
CA GLY B 144 20.90 1.59 -2.81
C GLY B 144 20.46 1.50 -1.37
N ALA B 145 20.82 0.41 -0.70
CA ALA B 145 20.42 0.23 0.69
C ALA B 145 21.03 1.24 1.65
N PRO B 146 22.34 1.52 1.65
CA PRO B 146 22.88 2.49 2.61
C PRO B 146 22.28 3.88 2.47
N GLY B 147 22.01 4.32 1.23
CA GLY B 147 21.39 5.62 1.05
C GLY B 147 19.94 5.64 1.53
N VAL B 148 19.20 4.56 1.26
CA VAL B 148 17.81 4.49 1.69
C VAL B 148 17.72 4.46 3.22
N ALA B 149 18.62 3.71 3.87
CA ALA B 149 18.61 3.63 5.32
C ALA B 149 18.77 5.00 5.96
N LEU B 150 19.65 5.83 5.40
CA LEU B 150 19.80 7.19 5.92
C LEU B 150 18.58 8.05 5.60
N THR B 151 18.13 8.04 4.35
CA THR B 151 17.10 8.97 3.92
C THR B 151 15.78 8.72 4.64
N VAL B 152 15.38 7.45 4.75
CA VAL B 152 14.06 7.14 5.31
C VAL B 152 14.02 7.18 6.83
N GLY B 153 15.16 7.43 7.48
CA GLY B 153 15.19 7.37 8.94
C GLY B 153 15.99 8.47 9.61
N LEU B 154 16.65 9.36 8.85
CA LEU B 154 17.40 10.46 9.42
C LEU B 154 16.53 11.71 9.37
N LYS B 155 16.04 12.14 10.54
CA LYS B 155 15.21 13.33 10.61
C LYS B 155 16.05 14.59 10.36
N ARG B 156 15.38 15.63 9.89
CA ARG B 156 16.04 16.87 9.46
C ARG B 156 17.10 16.59 8.40
N GLY B 157 16.77 15.70 7.46
CA GLY B 157 17.69 15.35 6.40
C GLY B 157 17.53 16.28 5.20
N GLY B 158 18.66 16.67 4.63
CA GLY B 158 18.69 17.60 3.52
C GLY B 158 18.57 16.91 2.18
N VAL B 159 18.75 17.71 1.13
CA VAL B 159 18.70 17.18 -0.24
C VAL B 159 19.89 16.27 -0.50
N LEU B 160 21.05 16.57 0.10
CA LEU B 160 22.27 15.84 -0.19
C LEU B 160 22.16 14.35 0.15
N LEU B 161 21.21 13.97 1.00
CA LEU B 161 21.03 12.55 1.29
C LEU B 161 20.51 11.78 0.08
N SER B 162 19.90 12.48 -0.89
CA SER B 162 19.45 11.85 -2.13
C SER B 162 20.58 11.62 -3.12
N ILE B 163 21.76 12.19 -2.87
CA ILE B 163 22.93 11.91 -3.70
C ILE B 163 23.43 10.48 -3.52
N LEU B 164 23.02 9.82 -2.45
CA LEU B 164 23.51 8.49 -2.11
C LEU B 164 22.53 7.38 -2.45
N VAL B 165 21.54 7.66 -3.29
CA VAL B 165 20.57 6.62 -3.64
C VAL B 165 20.55 6.38 -5.14
N LEU B 166 20.08 7.37 -5.90
CA LEU B 166 19.94 7.21 -7.34
C LEU B 166 21.23 7.47 -8.13
N PRO B 167 21.95 8.58 -7.91
CA PRO B 167 23.16 8.82 -8.71
C PRO B 167 24.29 7.84 -8.45
N LEU B 168 24.21 7.01 -7.40
CA LEU B 168 25.21 5.94 -7.26
C LEU B 168 24.95 4.80 -8.23
N THR B 169 23.73 4.66 -8.73
CA THR B 169 23.40 3.61 -9.68
C THR B 169 23.76 3.98 -11.11
N ILE B 170 24.30 5.18 -11.33
CA ILE B 170 24.66 5.59 -12.69
C ILE B 170 25.70 4.66 -13.32
N PRO B 171 26.82 4.33 -12.64
CA PRO B 171 27.76 3.39 -13.28
C PRO B 171 27.15 2.03 -13.59
N LEU B 172 26.31 1.51 -12.69
CA LEU B 172 25.66 0.23 -12.92
C LEU B 172 24.77 0.28 -14.16
N LEU B 173 23.93 1.31 -14.24
CA LEU B 173 23.05 1.47 -15.38
C LEU B 173 23.85 1.62 -16.66
N ILE B 174 24.90 2.44 -16.62
CA ILE B 174 25.72 2.69 -17.81
C ILE B 174 26.34 1.40 -18.31
N PHE B 175 26.96 0.64 -17.41
CA PHE B 175 27.66 -0.57 -17.83
C PHE B 175 26.70 -1.65 -18.28
N ALA B 176 25.56 -1.81 -17.60
CA ALA B 176 24.60 -2.82 -17.98
C ALA B 176 23.97 -2.52 -19.34
N THR B 177 23.56 -1.26 -19.55
CA THR B 177 23.02 -0.88 -20.84
C THR B 177 24.06 -0.97 -21.93
N ALA B 178 25.32 -0.67 -21.63
CA ALA B 178 26.38 -0.82 -22.62
C ALA B 178 26.59 -2.28 -22.99
N ALA B 179 26.52 -3.18 -22.00
CA ALA B 179 26.64 -4.61 -22.27
C ALA B 179 25.51 -5.08 -23.18
N MET B 180 24.28 -4.70 -22.87
CA MET B 180 23.16 -5.09 -23.72
C MET B 180 23.27 -4.48 -25.12
N ASP B 181 23.69 -3.22 -25.20
CA ASP B 181 23.84 -2.57 -26.49
C ASP B 181 24.89 -3.27 -27.34
N ALA B 182 26.03 -3.62 -26.74
CA ALA B 182 27.05 -4.36 -27.47
C ALA B 182 26.57 -5.75 -27.86
N ALA B 183 25.71 -6.35 -27.04
CA ALA B 183 25.10 -7.62 -27.41
C ALA B 183 24.17 -7.47 -28.60
N SER B 184 23.57 -6.29 -28.76
CA SER B 184 22.70 -6.05 -29.91
C SER B 184 23.46 -6.14 -31.22
N MET B 185 24.68 -5.61 -31.26
CA MET B 185 25.53 -5.73 -32.44
C MET B 185 26.27 -7.06 -32.51
N HIS B 186 25.88 -8.04 -31.68
CA HIS B 186 26.50 -9.35 -31.66
C HIS B 186 28.01 -9.24 -31.48
N LEU B 187 28.40 -8.75 -30.31
CA LEU B 187 29.79 -8.55 -29.95
C LEU B 187 30.11 -9.28 -28.66
N PRO B 188 31.36 -9.65 -28.43
CA PRO B 188 31.74 -10.27 -27.15
C PRO B 188 31.57 -9.30 -25.99
N VAL B 189 30.60 -9.59 -25.12
CA VAL B 189 30.31 -8.74 -23.98
C VAL B 189 30.99 -9.26 -22.71
N ASP B 190 32.02 -10.10 -22.86
CA ASP B 190 32.67 -10.71 -21.71
C ASP B 190 33.33 -9.66 -20.82
N GLY B 191 33.91 -8.63 -21.41
CA GLY B 191 34.53 -7.58 -20.61
C GLY B 191 33.52 -6.84 -19.76
N TYR B 192 32.30 -6.66 -20.27
CA TYR B 192 31.27 -5.96 -19.50
C TYR B 192 30.71 -6.83 -18.39
N LEU B 193 30.71 -8.15 -18.59
CA LEU B 193 30.23 -9.05 -17.54
C LEU B 193 31.22 -9.13 -16.37
N ALA B 194 32.51 -8.98 -16.65
CA ALA B 194 33.50 -8.91 -15.58
C ALA B 194 33.28 -7.67 -14.73
N ILE B 195 32.97 -6.53 -15.36
CA ILE B 195 32.73 -5.31 -14.61
C ILE B 195 31.49 -5.46 -13.75
N LEU B 196 30.42 -6.05 -14.29
CA LEU B 196 29.21 -6.25 -13.51
C LEU B 196 29.41 -7.28 -12.42
N GLY B 197 30.24 -8.29 -12.66
CA GLY B 197 30.53 -9.26 -11.63
C GLY B 197 31.45 -8.74 -10.54
N ALA B 198 32.40 -7.86 -10.91
CA ALA B 198 33.25 -7.24 -9.91
C ALA B 198 32.46 -6.26 -9.05
N LEU B 199 31.47 -5.59 -9.63
CA LEU B 199 30.58 -4.75 -8.85
C LEU B 199 29.75 -5.58 -7.89
N LEU B 200 29.18 -6.68 -8.36
CA LEU B 200 28.35 -7.53 -7.50
C LEU B 200 29.19 -8.16 -6.39
N ALA B 201 30.39 -8.63 -6.72
CA ALA B 201 31.25 -9.23 -5.71
C ALA B 201 31.67 -8.20 -4.66
N GLY B 202 32.07 -7.02 -5.11
CA GLY B 202 32.51 -5.98 -4.20
C GLY B 202 31.40 -5.31 -3.42
N THR B 203 30.27 -5.03 -4.08
CA THR B 203 29.21 -4.29 -3.41
C THR B 203 28.49 -5.16 -2.38
N ALA B 204 28.26 -6.42 -2.70
CA ALA B 204 27.62 -7.32 -1.74
C ALA B 204 28.47 -7.55 -0.51
N THR B 205 29.77 -7.27 -0.59
CA THR B 205 30.65 -7.43 0.57
C THR B 205 30.63 -6.20 1.47
N LEU B 206 30.50 -5.01 0.90
CA LEU B 206 30.55 -3.78 1.68
C LEU B 206 29.18 -3.18 1.97
N SER B 207 28.17 -3.47 1.15
CA SER B 207 26.86 -2.89 1.38
C SER B 207 26.23 -3.31 2.71
N PRO B 208 26.22 -4.59 3.11
CA PRO B 208 25.63 -4.92 4.42
C PRO B 208 26.31 -4.20 5.58
N PHE B 209 27.63 -4.07 5.54
CA PHE B 209 28.33 -3.37 6.61
C PHE B 209 28.05 -1.87 6.56
N ALA B 210 28.07 -1.30 5.35
CA ALA B 210 27.74 0.12 5.21
C ALA B 210 26.31 0.40 5.63
N THR B 211 25.38 -0.47 5.26
CA THR B 211 23.99 -0.28 5.66
C THR B 211 23.81 -0.45 7.17
N ALA B 212 24.52 -1.40 7.76
CA ALA B 212 24.46 -1.56 9.22
C ALA B 212 24.99 -0.32 9.92
N ALA B 213 26.11 0.23 9.45
CA ALA B 213 26.63 1.46 10.05
C ALA B 213 25.67 2.61 9.86
N ALA B 214 25.04 2.71 8.68
CA ALA B 214 24.07 3.77 8.44
C ALA B 214 22.87 3.64 9.35
N LEU B 215 22.40 2.41 9.59
CA LEU B 215 21.28 2.21 10.50
C LEU B 215 21.67 2.57 11.93
N ARG B 216 22.87 2.20 12.35
CA ARG B 216 23.34 2.61 13.68
C ARG B 216 23.39 4.12 13.81
N ILE B 217 23.88 4.80 12.78
CA ILE B 217 23.96 6.26 12.81
C ILE B 217 22.56 6.87 12.85
N SER B 218 21.64 6.33 12.07
CA SER B 218 20.32 6.92 11.92
C SER B 218 19.41 6.67 13.12
N ILE B 219 19.53 5.51 13.77
CA ILE B 219 18.70 5.24 14.93
C ILE B 219 19.04 6.19 16.08
N GLN B 220 20.32 6.42 16.32
CA GLN B 220 20.75 7.33 17.37
C GLN B 220 20.34 8.77 17.06
N GLN C 7 -39.27 -7.22 -5.39
CA GLN C 7 -38.90 -7.74 -4.08
C GLN C 7 -37.58 -8.50 -4.15
N LEU C 8 -36.49 -7.83 -3.78
CA LEU C 8 -35.16 -8.42 -3.78
C LEU C 8 -34.81 -8.80 -2.34
N ALA C 9 -34.60 -10.09 -2.11
CA ALA C 9 -34.45 -10.61 -0.75
C ALA C 9 -33.04 -10.41 -0.22
N ILE C 10 -32.05 -10.86 -0.98
CA ILE C 10 -30.61 -10.76 -0.70
C ILE C 10 -30.17 -11.18 0.71
N PRO C 11 -30.65 -12.31 1.26
CA PRO C 11 -29.94 -12.93 2.38
C PRO C 11 -28.89 -13.90 1.86
N PRO C 12 -28.28 -14.74 2.73
CA PRO C 12 -27.48 -15.85 2.22
C PRO C 12 -28.27 -16.87 1.40
N ARG C 13 -29.56 -16.60 1.14
CA ARG C 13 -30.32 -17.40 0.19
C ARG C 13 -29.75 -17.30 -1.23
N LEU C 14 -28.99 -16.23 -1.52
CA LEU C 14 -28.35 -16.13 -2.83
C LEU C 14 -27.44 -17.33 -3.10
N TYR C 15 -26.84 -17.91 -2.06
CA TYR C 15 -26.09 -19.14 -2.22
C TYR C 15 -26.97 -20.25 -2.78
N GLN C 16 -28.16 -20.43 -2.21
CA GLN C 16 -29.06 -21.47 -2.69
C GLN C 16 -29.54 -21.19 -4.11
N ILE C 17 -29.85 -19.93 -4.41
CA ILE C 17 -30.30 -19.59 -5.76
C ILE C 17 -29.19 -19.84 -6.77
N CYS C 18 -27.95 -19.45 -6.43
CA CYS C 18 -26.82 -19.73 -7.29
C CYS C 18 -26.65 -21.23 -7.49
N GLY C 19 -26.77 -22.01 -6.42
CA GLY C 19 -26.66 -23.45 -6.55
C GLY C 19 -27.73 -24.06 -7.42
N TRP C 20 -28.94 -23.49 -7.41
CA TRP C 20 -30.02 -24.05 -8.20
C TRP C 20 -29.75 -23.90 -9.69
N PHE C 21 -29.19 -22.77 -10.11
CA PHE C 21 -28.97 -22.49 -11.52
C PHE C 21 -27.70 -23.11 -12.09
N ILE C 22 -26.72 -23.41 -11.24
CA ILE C 22 -25.41 -23.84 -11.73
C ILE C 22 -25.48 -25.11 -12.57
N PRO C 23 -26.17 -26.19 -12.16
CA PRO C 23 -26.13 -27.40 -12.98
C PRO C 23 -26.75 -27.23 -14.36
N TRP C 24 -27.95 -26.64 -14.43
CA TRP C 24 -28.61 -26.45 -15.71
C TRP C 24 -27.84 -25.48 -16.58
N LEU C 25 -27.31 -24.41 -15.98
CA LEU C 25 -26.54 -23.43 -16.75
C LEU C 25 -25.27 -24.06 -17.31
N ALA C 26 -24.59 -24.89 -16.51
CA ALA C 26 -23.39 -25.58 -16.99
C ALA C 26 -23.73 -26.56 -18.10
N ILE C 27 -24.82 -27.31 -17.95
CA ILE C 27 -25.23 -28.24 -19.00
C ILE C 27 -25.51 -27.51 -20.29
N ALA C 28 -26.26 -26.40 -20.20
CA ALA C 28 -26.58 -25.63 -21.39
C ALA C 28 -25.32 -25.05 -22.04
N SER C 29 -24.41 -24.52 -21.22
CA SER C 29 -23.17 -23.96 -21.77
C SER C 29 -22.35 -25.03 -22.47
N VAL C 30 -22.23 -26.20 -21.86
CA VAL C 30 -21.47 -27.29 -22.47
C VAL C 30 -22.09 -27.68 -23.81
N VAL C 31 -23.42 -27.83 -23.83
CA VAL C 31 -24.09 -28.28 -25.05
C VAL C 31 -23.94 -27.25 -26.16
N VAL C 32 -24.13 -25.97 -25.84
CA VAL C 32 -24.08 -24.94 -26.87
C VAL C 32 -22.66 -24.74 -27.37
N LEU C 33 -21.66 -24.81 -26.49
CA LEU C 33 -20.28 -24.78 -26.98
C LEU C 33 -19.96 -25.98 -27.85
N THR C 34 -20.42 -27.18 -27.48
CA THR C 34 -20.13 -28.34 -28.30
C THR C 34 -20.76 -28.21 -29.68
N VAL C 35 -22.01 -27.78 -29.74
CA VAL C 35 -22.66 -27.66 -31.05
C VAL C 35 -22.03 -26.52 -31.86
N GLY C 36 -21.63 -25.42 -31.21
CA GLY C 36 -21.03 -24.33 -31.94
C GLY C 36 -19.62 -24.62 -32.42
N TRP C 37 -18.88 -25.45 -31.69
CA TRP C 37 -17.53 -25.82 -32.06
C TRP C 37 -17.47 -27.07 -32.93
N ILE C 38 -18.58 -27.78 -33.10
CA ILE C 38 -18.66 -28.81 -34.12
C ILE C 38 -19.23 -28.25 -35.41
N TRP C 39 -20.21 -27.33 -35.31
CA TRP C 39 -20.68 -26.61 -36.48
C TRP C 39 -19.55 -25.81 -37.10
N GLY C 40 -18.87 -24.99 -36.30
CA GLY C 40 -17.58 -24.48 -36.70
C GLY C 40 -16.53 -25.53 -36.45
N PHE C 41 -15.30 -25.23 -36.83
CA PHE C 41 -14.18 -26.11 -36.58
C PHE C 41 -14.43 -27.51 -37.14
N GLY C 42 -14.85 -27.57 -38.40
CA GLY C 42 -15.03 -28.87 -39.02
C GLY C 42 -16.17 -29.00 -40.00
N PHE C 43 -17.21 -28.18 -39.86
CA PHE C 43 -18.34 -28.20 -40.79
C PHE C 43 -18.46 -26.95 -41.64
N ALA C 44 -18.27 -25.78 -41.04
CA ALA C 44 -18.40 -24.54 -41.78
C ALA C 44 -17.24 -24.39 -42.77
N PRO C 45 -17.47 -23.78 -43.93
CA PRO C 45 -16.39 -23.57 -44.89
C PRO C 45 -15.39 -22.55 -44.39
N ALA C 46 -14.27 -22.46 -45.11
CA ALA C 46 -13.18 -21.55 -44.78
C ALA C 46 -13.07 -20.47 -45.84
N ASP C 47 -12.56 -19.30 -45.44
CA ASP C 47 -12.50 -18.18 -46.35
C ASP C 47 -11.40 -18.39 -47.39
N TYR C 48 -11.40 -17.52 -48.41
CA TYR C 48 -10.45 -17.65 -49.50
C TYR C 48 -9.05 -17.21 -49.09
N GLN C 49 -8.94 -16.12 -48.33
CA GLN C 49 -7.63 -15.53 -48.06
C GLN C 49 -6.88 -16.29 -46.97
N GLN C 50 -7.44 -16.33 -45.77
CA GLN C 50 -6.73 -16.94 -44.64
C GLN C 50 -6.83 -18.46 -44.62
N GLY C 51 -7.64 -19.05 -45.49
CA GLY C 51 -7.76 -20.50 -45.49
C GLY C 51 -8.40 -21.00 -44.22
N ASN C 52 -7.86 -22.10 -43.68
CA ASN C 52 -8.40 -22.70 -42.47
C ASN C 52 -7.92 -22.01 -41.20
N SER C 53 -7.02 -21.03 -41.31
CA SER C 53 -6.66 -20.24 -40.14
C SER C 53 -7.81 -19.34 -39.70
N TYR C 54 -8.82 -19.17 -40.55
CA TYR C 54 -9.98 -18.35 -40.21
C TYR C 54 -10.89 -19.02 -39.19
N ARG C 55 -10.73 -20.32 -38.94
CA ARG C 55 -11.59 -21.03 -38.01
C ARG C 55 -11.40 -20.59 -36.57
N ILE C 56 -10.50 -19.64 -36.31
CA ILE C 56 -10.34 -19.09 -34.97
C ILE C 56 -11.35 -18.01 -34.67
N ILE C 57 -12.21 -17.65 -35.61
CA ILE C 57 -13.31 -16.73 -35.30
C ILE C 57 -14.15 -17.30 -34.17
N TYR C 58 -14.55 -18.57 -34.30
CA TYR C 58 -15.47 -19.18 -33.36
C TYR C 58 -14.87 -19.28 -31.97
N LEU C 59 -13.56 -19.11 -31.88
CA LEU C 59 -12.81 -19.34 -30.66
C LEU C 59 -12.14 -18.09 -30.12
N HIS C 60 -11.80 -17.14 -30.99
CA HIS C 60 -11.20 -15.86 -30.58
C HIS C 60 -12.23 -14.75 -30.46
N VAL C 61 -13.18 -14.67 -31.38
CA VAL C 61 -14.18 -13.59 -31.33
C VAL C 61 -15.04 -13.67 -30.08
N PRO C 62 -15.60 -14.81 -29.68
CA PRO C 62 -16.43 -14.83 -28.47
C PRO C 62 -15.69 -14.37 -27.23
N ALA C 63 -14.42 -14.74 -27.07
CA ALA C 63 -13.66 -14.30 -25.91
C ALA C 63 -13.44 -12.80 -25.93
N ALA C 64 -13.12 -12.25 -27.11
CA ALA C 64 -12.92 -10.81 -27.23
C ALA C 64 -14.21 -10.05 -26.94
N ILE C 65 -15.35 -10.56 -27.40
CA ILE C 65 -16.63 -9.93 -27.13
C ILE C 65 -16.94 -9.97 -25.64
N TRP C 66 -16.77 -11.13 -25.03
CA TRP C 66 -17.25 -11.28 -23.67
C TRP C 66 -16.26 -10.78 -22.63
N SER C 67 -15.02 -10.47 -23.01
CA SER C 67 -14.17 -9.70 -22.10
C SER C 67 -14.73 -8.30 -21.88
N MET C 68 -15.09 -7.62 -22.98
CA MET C 68 -15.77 -6.33 -22.88
C MET C 68 -17.10 -6.47 -22.17
N GLY C 69 -17.85 -7.53 -22.50
CA GLY C 69 -19.13 -7.74 -21.84
C GLY C 69 -19.01 -7.93 -20.34
N ILE C 70 -18.01 -8.70 -19.91
CA ILE C 70 -17.82 -8.94 -18.48
C ILE C 70 -17.36 -7.67 -17.78
N TYR C 71 -16.52 -6.87 -18.44
CA TYR C 71 -16.15 -5.60 -17.81
C TYR C 71 -17.34 -4.67 -17.68
N ALA C 72 -18.22 -4.64 -18.70
CA ALA C 72 -19.42 -3.83 -18.60
C ALA C 72 -20.34 -4.31 -17.48
N SER C 73 -20.48 -5.63 -17.35
CA SER C 73 -21.28 -6.19 -16.27
C SER C 73 -20.67 -5.86 -14.92
N MET C 74 -19.34 -5.90 -14.81
CA MET C 74 -18.67 -5.52 -13.58
C MET C 74 -18.91 -4.05 -13.25
N ALA C 75 -18.90 -3.19 -14.28
CA ALA C 75 -19.20 -1.78 -14.06
C ALA C 75 -20.62 -1.59 -13.55
N VAL C 76 -21.57 -2.31 -14.14
CA VAL C 76 -22.96 -2.21 -13.69
C VAL C 76 -23.08 -2.69 -12.24
N ALA C 77 -22.42 -3.80 -11.90
CA ALA C 77 -22.48 -4.32 -10.54
C ALA C 77 -21.85 -3.35 -9.56
N ALA C 78 -20.72 -2.75 -9.93
CA ALA C 78 -20.08 -1.78 -9.06
C ALA C 78 -20.95 -0.54 -8.86
N PHE C 79 -21.61 -0.09 -9.92
CA PHE C 79 -22.53 1.03 -9.79
C PHE C 79 -23.68 0.69 -8.86
N ILE C 80 -24.24 -0.51 -8.98
CA ILE C 80 -25.35 -0.90 -8.13
C ILE C 80 -24.90 -1.02 -6.67
N GLY C 81 -23.70 -1.55 -6.45
CA GLY C 81 -23.19 -1.70 -5.10
C GLY C 81 -22.63 -0.44 -4.47
N LEU C 82 -22.38 0.60 -5.27
CA LEU C 82 -21.90 1.86 -4.70
C LEU C 82 -23.05 2.72 -4.19
N VAL C 83 -23.99 3.04 -5.06
CA VAL C 83 -25.07 3.95 -4.69
C VAL C 83 -26.04 3.31 -3.71
N TRP C 84 -26.35 2.03 -3.88
CA TRP C 84 -27.34 1.38 -3.02
C TRP C 84 -26.73 0.61 -1.85
N GLN C 85 -25.41 0.65 -1.69
CA GLN C 85 -24.71 -0.01 -0.57
C GLN C 85 -25.09 -1.50 -0.49
N MET C 86 -24.74 -2.23 -1.54
CA MET C 86 -25.03 -3.65 -1.63
C MET C 86 -23.74 -4.45 -1.59
N LYS C 87 -23.69 -5.44 -0.70
CA LYS C 87 -22.49 -6.27 -0.57
C LYS C 87 -22.36 -7.25 -1.73
N MET C 88 -23.47 -7.84 -2.16
CA MET C 88 -23.40 -8.85 -3.21
C MET C 88 -23.06 -8.24 -4.56
N ALA C 89 -23.50 -7.01 -4.81
CA ALA C 89 -23.10 -6.33 -6.04
C ALA C 89 -21.60 -6.09 -6.06
N ASN C 90 -21.03 -5.73 -4.91
CA ASN C 90 -19.58 -5.59 -4.80
C ASN C 90 -18.89 -6.96 -4.86
N LEU C 91 -19.55 -7.99 -4.36
CA LEU C 91 -18.97 -9.34 -4.42
C LEU C 91 -19.05 -9.91 -5.83
N ALA C 92 -20.03 -9.48 -6.63
CA ALA C 92 -20.13 -9.96 -8.00
C ALA C 92 -18.98 -9.45 -8.86
N VAL C 93 -18.43 -8.29 -8.52
CA VAL C 93 -17.27 -7.77 -9.26
C VAL C 93 -16.09 -8.71 -9.10
N ALA C 94 -15.84 -9.16 -7.87
CA ALA C 94 -14.73 -10.07 -7.62
C ALA C 94 -14.98 -11.45 -8.22
N ALA C 95 -16.25 -11.85 -8.34
CA ALA C 95 -16.56 -13.13 -8.96
C ALA C 95 -16.36 -13.09 -10.47
N MET C 96 -16.54 -11.91 -11.08
CA MET C 96 -16.42 -11.79 -12.52
C MET C 96 -15.03 -11.38 -12.98
N ALA C 97 -14.22 -10.79 -12.11
CA ALA C 97 -12.92 -10.27 -12.54
C ALA C 97 -11.99 -11.35 -13.09
N PRO C 98 -11.78 -12.49 -12.42
CA PRO C 98 -10.90 -13.50 -13.02
C PRO C 98 -11.40 -14.06 -14.33
N ILE C 99 -12.72 -14.20 -14.49
CA ILE C 99 -13.26 -14.71 -15.74
C ILE C 99 -13.01 -13.73 -16.88
N GLY C 100 -13.21 -12.43 -16.64
CA GLY C 100 -12.91 -11.44 -17.65
C GLY C 100 -11.43 -11.38 -17.98
N ALA C 101 -10.59 -11.52 -16.96
CA ALA C 101 -9.15 -11.53 -17.20
C ALA C 101 -8.75 -12.72 -18.06
N VAL C 102 -9.34 -13.89 -17.80
CA VAL C 102 -9.07 -15.07 -18.59
C VAL C 102 -9.56 -14.88 -20.02
N PHE C 103 -10.72 -14.25 -20.19
CA PHE C 103 -11.23 -14.00 -21.54
C PHE C 103 -10.34 -13.03 -22.30
N THR C 104 -9.85 -11.98 -21.64
CA THR C 104 -8.89 -11.07 -22.27
C THR C 104 -7.63 -11.80 -22.68
N PHE C 105 -7.11 -12.66 -21.79
CA PHE C 105 -5.91 -13.42 -22.11
C PHE C 105 -6.16 -14.33 -23.31
N ILE C 106 -7.32 -14.99 -23.34
CA ILE C 106 -7.63 -15.89 -24.45
C ILE C 106 -7.73 -15.12 -25.76
N ALA C 107 -8.38 -13.95 -25.73
CA ALA C 107 -8.46 -13.13 -26.94
C ALA C 107 -7.09 -12.69 -27.40
N LEU C 108 -6.23 -12.29 -26.46
CA LEU C 108 -4.88 -11.86 -26.81
C LEU C 108 -4.07 -12.99 -27.44
N VAL C 109 -4.13 -14.18 -26.84
CA VAL C 109 -3.30 -15.28 -27.32
C VAL C 109 -3.88 -15.95 -28.55
N THR C 110 -5.18 -15.80 -28.80
CA THR C 110 -5.78 -16.35 -30.00
C THR C 110 -5.72 -15.40 -31.18
N GLY C 111 -5.62 -14.08 -30.91
CA GLY C 111 -5.37 -13.15 -31.98
C GLY C 111 -3.92 -13.11 -32.40
N SER C 112 -2.99 -13.30 -31.46
CA SER C 112 -1.58 -13.36 -31.81
C SER C 112 -1.26 -14.63 -32.59
N ALA C 113 -1.88 -15.75 -32.23
CA ALA C 113 -1.70 -16.99 -32.97
C ALA C 113 -2.40 -16.95 -34.32
N TRP C 114 -3.33 -16.02 -34.52
CA TRP C 114 -4.07 -15.89 -35.76
C TRP C 114 -3.38 -14.96 -36.75
N GLY C 115 -2.88 -13.83 -36.27
CA GLY C 115 -2.13 -12.93 -37.12
C GLY C 115 -0.70 -13.33 -37.37
N LYS C 116 -0.19 -14.31 -36.63
CA LYS C 116 1.19 -14.74 -36.83
C LYS C 116 1.47 -15.24 -38.24
N PRO C 117 0.63 -16.07 -38.86
CA PRO C 117 0.89 -16.42 -40.27
C PRO C 117 0.92 -15.22 -41.19
N MET C 118 0.10 -14.20 -40.95
CA MET C 118 0.07 -13.03 -41.82
C MET C 118 1.18 -12.04 -41.47
N TRP C 119 1.26 -11.65 -40.20
CA TRP C 119 2.27 -10.66 -39.80
C TRP C 119 3.68 -11.23 -39.91
N GLY C 120 3.85 -12.51 -39.60
CA GLY C 120 5.16 -13.11 -39.55
C GLY C 120 5.82 -13.05 -38.20
N THR C 121 5.19 -12.42 -37.21
CA THR C 121 5.70 -12.39 -35.84
C THR C 121 4.54 -12.63 -34.88
N TRP C 122 4.87 -13.09 -33.69
CA TRP C 122 3.87 -13.42 -32.69
C TRP C 122 3.31 -12.21 -31.97
N TRP C 123 3.83 -11.02 -32.23
CA TRP C 123 3.40 -9.82 -31.51
C TRP C 123 3.54 -8.62 -32.42
N VAL C 124 2.43 -7.91 -32.64
CA VAL C 124 2.42 -6.66 -33.37
C VAL C 124 1.67 -5.64 -32.52
N TRP C 125 2.27 -4.45 -32.35
CA TRP C 125 1.66 -3.39 -31.55
C TRP C 125 0.66 -2.62 -32.40
N ASP C 126 -0.51 -3.24 -32.59
CA ASP C 126 -1.60 -2.62 -33.32
C ASP C 126 -2.65 -2.12 -32.33
N ALA C 127 -3.75 -1.59 -32.87
CA ALA C 127 -4.81 -1.06 -32.02
C ALA C 127 -5.55 -2.17 -31.30
N ARG C 128 -5.75 -3.31 -31.97
CA ARG C 128 -6.51 -4.40 -31.37
C ARG C 128 -5.78 -4.99 -30.17
N LEU C 129 -4.50 -5.33 -30.35
CA LEU C 129 -3.76 -5.95 -29.26
C LEU C 129 -3.55 -5.00 -28.10
N THR C 130 -3.28 -3.72 -28.39
CA THR C 130 -3.05 -2.75 -27.33
C THR C 130 -4.30 -2.51 -26.50
N SER C 131 -5.47 -2.42 -27.15
CA SER C 131 -6.70 -2.19 -26.42
C SER C 131 -7.03 -3.35 -25.48
N GLU C 132 -6.88 -4.58 -25.97
CA GLU C 132 -7.10 -5.73 -25.11
C GLU C 132 -6.03 -5.85 -24.05
N LEU C 133 -4.81 -5.42 -24.35
CA LEU C 133 -3.76 -5.42 -23.34
C LEU C 133 -4.09 -4.49 -22.19
N VAL C 134 -4.58 -3.28 -22.49
CA VAL C 134 -4.93 -2.36 -21.41
C VAL C 134 -6.19 -2.81 -20.71
N LEU C 135 -7.10 -3.49 -21.41
CA LEU C 135 -8.25 -4.09 -20.73
C LEU C 135 -7.81 -5.15 -19.73
N LEU C 136 -6.85 -5.99 -20.13
CA LEU C 136 -6.29 -6.97 -19.21
C LEU C 136 -5.55 -6.29 -18.06
N PHE C 137 -4.91 -5.15 -18.32
CA PHE C 137 -4.28 -4.39 -17.25
C PHE C 137 -5.30 -3.92 -16.24
N LEU C 138 -6.45 -3.42 -16.72
CA LEU C 138 -7.52 -3.03 -15.82
C LEU C 138 -8.05 -4.23 -15.03
N TYR C 139 -8.22 -5.37 -15.69
CA TYR C 139 -8.70 -6.57 -15.01
C TYR C 139 -7.76 -6.99 -13.90
N VAL C 140 -6.46 -7.05 -14.20
CA VAL C 140 -5.50 -7.50 -13.20
C VAL C 140 -5.34 -6.47 -12.10
N GLY C 141 -5.51 -5.18 -12.42
CA GLY C 141 -5.52 -4.18 -11.37
C GLY C 141 -6.67 -4.36 -10.40
N VAL C 142 -7.86 -4.65 -10.93
CA VAL C 142 -9.02 -4.91 -10.08
C VAL C 142 -8.78 -6.15 -9.23
N ILE C 143 -8.24 -7.22 -9.84
CA ILE C 143 -7.99 -8.45 -9.12
C ILE C 143 -6.99 -8.23 -8.00
N ALA C 144 -5.91 -7.50 -8.29
CA ALA C 144 -4.88 -7.24 -7.29
C ALA C 144 -5.42 -6.36 -6.16
N LEU C 145 -6.23 -5.36 -6.50
CA LEU C 145 -6.81 -4.51 -5.46
C LEU C 145 -7.74 -5.30 -4.55
N TRP C 146 -8.55 -6.19 -5.12
CA TRP C 146 -9.47 -6.97 -4.29
C TRP C 146 -8.70 -7.90 -3.35
N HIS C 147 -7.61 -8.50 -3.82
CA HIS C 147 -6.85 -9.43 -3.00
C HIS C 147 -5.88 -8.76 -2.06
N ALA C 148 -5.68 -7.44 -2.17
CA ALA C 148 -4.73 -6.75 -1.33
C ALA C 148 -5.30 -6.32 0.01
N PHE C 149 -6.60 -6.49 0.22
CA PHE C 149 -7.25 -6.11 1.47
C PHE C 149 -7.41 -7.33 2.36
N ASP C 150 -6.91 -7.23 3.60
CA ASP C 150 -7.12 -8.30 4.56
C ASP C 150 -8.59 -8.44 4.91
N ASP C 151 -9.29 -7.33 5.07
CA ASP C 151 -10.69 -7.33 5.48
C ASP C 151 -11.58 -7.30 4.25
N ARG C 152 -12.44 -8.31 4.11
CA ARG C 152 -13.45 -8.30 3.06
C ARG C 152 -14.53 -7.28 3.39
N ARG C 153 -15.41 -7.04 2.41
CA ARG C 153 -16.49 -6.07 2.46
C ARG C 153 -15.92 -4.66 2.38
N LEU C 154 -14.60 -4.53 2.49
CA LEU C 154 -13.88 -3.32 2.13
C LEU C 154 -13.14 -3.47 0.81
N ALA C 155 -12.71 -4.68 0.48
CA ALA C 155 -12.36 -5.03 -0.89
C ALA C 155 -13.64 -5.43 -1.59
N GLY C 156 -14.04 -4.66 -2.60
CA GLY C 156 -15.34 -4.79 -3.21
C GLY C 156 -15.97 -3.42 -3.25
N ARG C 157 -15.74 -2.64 -2.20
CA ARG C 157 -15.98 -1.20 -2.27
C ARG C 157 -14.82 -0.52 -2.98
N ALA C 158 -13.59 -0.85 -2.56
CA ALA C 158 -12.42 -0.37 -3.28
C ALA C 158 -12.36 -0.94 -4.69
N ALA C 159 -12.66 -2.23 -4.83
CA ALA C 159 -12.69 -2.85 -6.15
C ALA C 159 -13.79 -2.25 -7.01
N GLY C 160 -14.95 -1.96 -6.43
CA GLY C 160 -16.02 -1.32 -7.18
C GLY C 160 -15.67 0.07 -7.63
N ILE C 161 -15.02 0.84 -6.75
CA ILE C 161 -14.60 2.20 -7.13
C ILE C 161 -13.55 2.14 -8.23
N LEU C 162 -12.60 1.19 -8.13
CA LEU C 162 -11.61 1.03 -9.19
C LEU C 162 -12.26 0.64 -10.51
N VAL C 163 -13.27 -0.23 -10.46
CA VAL C 163 -13.96 -0.64 -11.68
C VAL C 163 -14.68 0.56 -12.30
N LEU C 164 -15.32 1.38 -11.47
CA LEU C 164 -15.99 2.56 -11.99
C LEU C 164 -15.00 3.54 -12.62
N ILE C 165 -13.85 3.74 -11.97
CA ILE C 165 -12.82 4.61 -12.53
C ILE C 165 -12.34 4.08 -13.86
N GLY C 166 -12.11 2.77 -13.95
CA GLY C 166 -11.63 2.18 -15.19
C GLY C 166 -12.64 2.24 -16.30
N VAL C 167 -13.92 2.02 -15.98
CA VAL C 167 -14.94 2.03 -17.03
C VAL C 167 -15.22 3.45 -17.50
N VAL C 168 -15.05 4.45 -16.64
CA VAL C 168 -15.14 5.83 -17.11
C VAL C 168 -14.02 6.13 -18.10
N ASN C 169 -12.80 5.69 -17.77
CA ASN C 169 -11.64 5.94 -18.62
C ASN C 169 -11.50 4.98 -19.77
N LEU C 170 -12.27 3.89 -19.80
CA LEU C 170 -12.11 2.89 -20.85
C LEU C 170 -12.39 3.42 -22.25
N PRO C 171 -13.51 4.13 -22.52
CA PRO C 171 -13.68 4.68 -23.87
C PRO C 171 -12.61 5.68 -24.26
N ILE C 172 -12.09 6.46 -23.30
CA ILE C 172 -11.01 7.39 -23.59
C ILE C 172 -9.77 6.63 -24.04
N ILE C 173 -9.40 5.58 -23.29
CA ILE C 173 -8.23 4.78 -23.64
C ILE C 173 -8.42 4.11 -24.98
N HIS C 174 -9.61 3.55 -25.23
CA HIS C 174 -9.86 2.86 -26.49
C HIS C 174 -9.74 3.81 -27.67
N TYR C 175 -10.36 4.99 -27.56
CA TYR C 175 -10.33 5.94 -28.67
C TYR C 175 -8.92 6.49 -28.88
N SER C 176 -8.17 6.69 -27.79
CA SER C 176 -6.79 7.15 -27.92
C SER C 176 -5.93 6.10 -28.61
N VAL C 177 -6.11 4.82 -28.26
CA VAL C 177 -5.33 3.77 -28.90
C VAL C 177 -5.72 3.64 -30.37
N GLU C 178 -7.01 3.76 -30.68
CA GLU C 178 -7.44 3.70 -32.07
C GLU C 178 -6.87 4.85 -32.88
N TRP C 179 -6.83 6.05 -32.30
CA TRP C 179 -6.23 7.17 -33.02
C TRP C 179 -4.71 7.09 -33.04
N TRP C 180 -4.11 6.50 -32.00
CA TRP C 180 -2.65 6.31 -31.99
C TRP C 180 -2.22 5.37 -33.11
N ASN C 181 -3.04 4.38 -33.44
CA ASN C 181 -2.71 3.47 -34.53
C ASN C 181 -2.77 4.17 -35.88
N THR C 182 -3.80 4.97 -36.12
CA THR C 182 -3.92 5.67 -37.39
C THR C 182 -2.82 6.71 -37.56
N LEU C 183 -2.31 7.25 -36.45
CA LEU C 183 -1.22 8.21 -36.51
C LEU C 183 0.05 7.57 -37.05
N HIS C 184 0.19 6.26 -36.90
CA HIS C 184 1.40 5.54 -37.30
C HIS C 184 1.21 4.73 -38.57
N GLN C 185 0.19 3.87 -38.64
CA GLN C 185 0.00 3.02 -39.81
C GLN C 185 -1.24 3.35 -40.61
N GLY C 186 -2.40 3.56 -39.98
CA GLY C 186 -3.54 4.10 -40.71
C GLY C 186 -4.90 3.46 -40.53
N SER C 187 -5.00 2.14 -40.50
CA SER C 187 -6.30 1.48 -40.46
C SER C 187 -6.09 0.01 -40.08
N THR C 188 -7.18 -0.77 -40.17
CA THR C 188 -7.13 -2.20 -39.86
C THR C 188 -6.51 -2.95 -41.03
N ARG C 189 -6.52 -4.28 -40.95
CA ARG C 189 -5.82 -5.09 -41.95
C ARG C 189 -6.40 -4.92 -43.34
N MET C 190 -7.61 -5.45 -43.59
CA MET C 190 -8.34 -5.13 -44.80
C MET C 190 -9.73 -4.59 -44.51
N GLN C 191 -10.52 -5.35 -43.74
CA GLN C 191 -11.95 -5.07 -43.52
C GLN C 191 -12.53 -6.11 -42.56
N GLN C 192 -13.82 -6.01 -42.28
CA GLN C 192 -14.53 -6.99 -41.47
C GLN C 192 -15.54 -7.72 -42.34
N SER C 193 -15.49 -9.06 -42.33
CA SER C 193 -16.45 -9.87 -43.06
C SER C 193 -16.61 -11.21 -42.35
N ILE C 194 -17.85 -11.70 -42.31
CA ILE C 194 -18.15 -12.94 -41.61
C ILE C 194 -18.62 -14.05 -42.55
N ASP C 195 -19.35 -13.72 -43.63
CA ASP C 195 -19.94 -14.64 -44.60
C ASP C 195 -21.13 -15.35 -43.99
N PRO C 196 -22.19 -15.59 -44.76
CA PRO C 196 -23.38 -16.24 -44.18
C PRO C 196 -23.11 -17.61 -43.58
N ALA C 197 -22.25 -18.41 -44.21
CA ALA C 197 -22.03 -19.78 -43.74
C ALA C 197 -21.27 -19.82 -42.42
N MET C 198 -20.36 -18.87 -42.21
CA MET C 198 -19.56 -18.83 -40.99
C MET C 198 -20.17 -17.94 -39.91
N ARG C 199 -21.38 -17.44 -40.13
CA ARG C 199 -22.00 -16.51 -39.19
C ARG C 199 -22.80 -17.20 -38.11
N SER C 200 -23.58 -18.22 -38.46
CA SER C 200 -24.36 -18.95 -37.46
C SER C 200 -23.48 -19.67 -36.43
N PRO C 201 -22.46 -20.43 -36.81
CA PRO C 201 -21.60 -21.03 -35.78
C PRO C 201 -20.93 -20.00 -34.89
N LEU C 202 -20.58 -18.83 -35.42
CA LEU C 202 -20.03 -17.77 -34.58
C LEU C 202 -21.04 -17.30 -33.55
N ARG C 203 -22.31 -17.17 -33.95
CA ARG C 203 -23.34 -16.78 -33.00
C ARG C 203 -23.49 -17.84 -31.91
N TRP C 204 -23.48 -19.11 -32.30
CA TRP C 204 -23.59 -20.18 -31.31
C TRP C 204 -22.41 -20.16 -30.35
N SER C 205 -21.21 -19.89 -30.86
CA SER C 205 -20.03 -19.83 -30.00
C SER C 205 -20.09 -18.64 -29.05
N ILE C 206 -20.57 -17.50 -29.53
CA ILE C 206 -20.70 -16.32 -28.65
C ILE C 206 -21.70 -16.60 -27.54
N PHE C 207 -22.85 -17.20 -27.89
CA PHE C 207 -23.82 -17.55 -26.85
C PHE C 207 -23.26 -18.58 -25.89
N GLY C 208 -22.44 -19.50 -26.40
CA GLY C 208 -21.84 -20.49 -25.53
C GLY C 208 -20.88 -19.89 -24.53
N PHE C 209 -20.05 -18.95 -24.98
CA PHE C 209 -19.16 -18.25 -24.03
C PHE C 209 -19.96 -17.42 -23.04
N LEU C 210 -21.09 -16.85 -23.48
CA LEU C 210 -21.96 -16.14 -22.54
C LEU C 210 -22.44 -17.07 -21.44
N LEU C 211 -22.94 -18.25 -21.83
CA LEU C 211 -23.44 -19.21 -20.84
C LEU C 211 -22.32 -19.72 -19.94
N LEU C 212 -21.14 -19.96 -20.51
CA LEU C 212 -20.01 -20.43 -19.71
C LEU C 212 -19.58 -19.37 -18.70
N SER C 213 -19.54 -18.10 -19.11
CA SER C 213 -19.20 -17.03 -18.18
C SER C 213 -20.25 -16.90 -17.09
N ALA C 214 -21.52 -17.07 -17.44
CA ALA C 214 -22.57 -17.03 -16.43
C ALA C 214 -22.42 -18.16 -15.42
N THR C 215 -22.12 -19.38 -15.90
CA THR C 215 -21.92 -20.49 -14.98
C THR C 215 -20.72 -20.26 -14.08
N LEU C 216 -19.61 -19.77 -14.66
CA LEU C 216 -18.40 -19.54 -13.89
C LEU C 216 -18.62 -18.44 -12.85
N THR C 217 -19.34 -17.38 -13.21
CA THR C 217 -19.58 -16.32 -12.25
C THR C 217 -20.54 -16.77 -11.15
N LEU C 218 -21.50 -17.65 -11.45
CA LEU C 218 -22.32 -18.19 -10.38
C LEU C 218 -21.49 -19.04 -9.42
N MET C 219 -20.60 -19.89 -9.96
CA MET C 219 -19.76 -20.70 -9.10
C MET C 219 -18.83 -19.85 -8.24
N ARG C 220 -18.21 -18.85 -8.84
CA ARG C 220 -17.32 -17.96 -8.09
C ARG C 220 -18.07 -17.13 -7.07
N MET C 221 -19.29 -16.69 -7.40
CA MET C 221 -20.11 -15.96 -6.44
C MET C 221 -20.47 -16.83 -5.26
N ARG C 222 -20.79 -18.10 -5.51
CA ARG C 222 -21.06 -19.04 -4.43
C ARG C 222 -19.83 -19.22 -3.53
N ASN C 223 -18.66 -19.37 -4.14
CA ASN C 223 -17.44 -19.52 -3.35
C ASN C 223 -17.15 -18.27 -2.52
N LEU C 224 -17.35 -17.09 -3.11
CA LEU C 224 -17.08 -15.85 -2.39
C LEU C 224 -18.09 -15.64 -1.27
N ILE C 225 -19.33 -16.06 -1.47
CA ILE C 225 -20.32 -16.01 -0.40
C ILE C 225 -19.88 -16.87 0.76
N LEU C 226 -19.39 -18.09 0.46
CA LEU C 226 -18.89 -18.94 1.53
C LEU C 226 -17.70 -18.30 2.24
N LEU C 227 -16.75 -17.74 1.48
CA LEU C 227 -15.59 -17.10 2.09
C LEU C 227 -16.00 -15.95 3.00
N MET C 228 -16.99 -15.16 2.58
CA MET C 228 -17.44 -14.05 3.40
C MET C 228 -18.13 -14.56 4.67
N GLU C 229 -19.17 -15.36 4.50
CA GLU C 229 -19.92 -15.88 5.65
C GLU C 229 -19.40 -17.25 6.08
N LYS C 230 -18.09 -17.38 6.23
CA LYS C 230 -17.51 -18.63 6.73
C LYS C 230 -17.75 -18.84 8.22
N ARG C 231 -18.28 -17.86 8.94
CA ARG C 231 -18.47 -17.96 10.38
C ARG C 231 -19.94 -17.94 10.81
N ARG C 232 -20.86 -17.60 9.92
CA ARG C 232 -22.26 -17.50 10.31
C ARG C 232 -22.84 -18.88 10.61
N PRO C 233 -23.83 -18.96 11.50
CA PRO C 233 -24.44 -20.27 11.81
C PRO C 233 -25.15 -20.90 10.64
N TRP C 234 -25.45 -20.14 9.59
CA TRP C 234 -26.10 -20.70 8.41
C TRP C 234 -25.25 -21.74 7.70
N VAL C 235 -23.95 -21.76 7.95
CA VAL C 235 -23.03 -22.60 7.19
C VAL C 235 -22.76 -23.85 8.02
N SER C 236 -23.74 -24.20 8.85
CA SER C 236 -23.66 -25.43 9.64
C SER C 236 -23.53 -26.66 8.76
N GLU C 237 -23.92 -26.59 7.50
CA GLU C 237 -23.75 -27.68 6.54
C GLU C 237 -22.28 -28.06 6.38
N MET D 1 -24.38 -32.97 -41.87
CA MET D 1 -24.36 -34.08 -42.82
C MET D 1 -23.24 -33.88 -43.83
N THR D 2 -22.89 -32.64 -44.09
CA THR D 2 -21.85 -32.30 -45.07
C THR D 2 -20.66 -31.66 -44.36
N PRO D 3 -19.60 -32.41 -44.08
CA PRO D 3 -18.45 -31.83 -43.39
C PRO D 3 -17.65 -30.93 -44.31
N ALA D 4 -16.74 -30.17 -43.71
CA ALA D 4 -15.87 -29.25 -44.44
C ALA D 4 -14.55 -29.88 -44.83
N PHE D 5 -14.35 -31.16 -44.55
CA PHE D 5 -13.12 -31.86 -44.89
C PHE D 5 -13.44 -33.15 -45.61
N ALA D 6 -12.58 -33.52 -46.56
CA ALA D 6 -12.83 -34.71 -47.37
C ALA D 6 -12.71 -35.99 -46.54
N SER D 7 -11.83 -36.01 -45.56
CA SER D 7 -11.63 -37.19 -44.73
C SER D 7 -11.19 -36.75 -43.34
N TRP D 8 -10.68 -37.71 -42.57
CA TRP D 8 -10.36 -37.50 -41.17
C TRP D 8 -9.05 -36.75 -41.00
N ASN D 9 -8.50 -36.77 -39.78
CA ASN D 9 -7.38 -35.92 -39.39
C ASN D 9 -6.19 -36.02 -40.34
N GLU D 10 -6.23 -36.96 -41.29
CA GLU D 10 -5.32 -36.89 -42.42
C GLU D 10 -5.60 -35.66 -43.29
N PHE D 11 -6.86 -35.24 -43.36
CA PHE D 11 -7.25 -33.97 -43.97
C PHE D 11 -7.66 -32.95 -42.92
N PHE D 12 -8.52 -33.34 -41.98
CA PHE D 12 -8.82 -32.56 -40.80
C PHE D 12 -7.54 -32.36 -39.99
N ALA D 13 -7.61 -31.51 -38.97
CA ALA D 13 -6.52 -31.33 -38.02
C ALA D 13 -5.27 -30.76 -38.69
N MET D 14 -5.36 -30.47 -40.00
CA MET D 14 -4.28 -29.78 -40.70
C MET D 14 -4.92 -29.15 -41.94
N GLY D 15 -5.17 -27.84 -41.88
CA GLY D 15 -5.63 -27.12 -43.05
C GLY D 15 -4.49 -26.36 -43.70
N GLY D 16 -3.26 -26.75 -43.36
CA GLY D 16 -2.08 -25.99 -43.68
C GLY D 16 -1.64 -25.07 -42.56
N TYR D 17 -2.52 -24.77 -41.61
CA TYR D 17 -2.24 -23.95 -40.44
C TYR D 17 -2.48 -24.73 -39.17
N ALA D 18 -2.07 -26.01 -39.17
CA ALA D 18 -2.38 -26.89 -38.05
C ALA D 18 -1.77 -26.40 -36.76
N PHE D 19 -0.52 -25.95 -36.80
CA PHE D 19 0.14 -25.50 -35.57
C PHE D 19 -0.57 -24.29 -34.98
N PHE D 20 -0.95 -23.33 -35.81
CA PHE D 20 -1.55 -22.10 -35.30
C PHE D 20 -2.99 -22.32 -34.88
N VAL D 21 -3.73 -23.15 -35.60
CA VAL D 21 -5.11 -23.44 -35.24
C VAL D 21 -5.18 -24.19 -33.92
N TRP D 22 -4.37 -25.25 -33.78
CA TRP D 22 -4.43 -26.08 -32.59
C TRP D 22 -3.74 -25.45 -31.39
N LEU D 23 -2.78 -24.55 -31.60
CA LEU D 23 -2.23 -23.80 -30.48
C LEU D 23 -3.29 -22.91 -29.85
N ALA D 24 -4.12 -22.27 -30.68
CA ALA D 24 -5.22 -21.47 -30.15
C ALA D 24 -6.22 -22.34 -29.42
N VAL D 25 -6.55 -23.51 -29.98
CA VAL D 25 -7.53 -24.39 -29.36
C VAL D 25 -7.04 -24.84 -27.99
N VAL D 26 -5.79 -25.30 -27.92
CA VAL D 26 -5.22 -25.76 -26.66
C VAL D 26 -5.13 -24.61 -25.67
N MET D 27 -4.66 -23.45 -26.14
CA MET D 27 -4.39 -22.30 -25.27
C MET D 27 -5.67 -21.57 -24.86
N THR D 28 -6.81 -21.91 -25.46
CA THR D 28 -8.09 -21.45 -24.93
C THR D 28 -8.80 -22.49 -24.07
N VAL D 29 -8.61 -23.78 -24.37
CA VAL D 29 -9.24 -24.81 -23.56
C VAL D 29 -8.57 -24.90 -22.20
N ILE D 30 -7.24 -24.76 -22.15
CA ILE D 30 -6.51 -24.91 -20.90
C ILE D 30 -6.94 -23.88 -19.85
N PRO D 31 -6.99 -22.57 -20.15
CA PRO D 31 -7.42 -21.63 -19.10
C PRO D 31 -8.86 -21.80 -18.66
N LEU D 32 -9.76 -22.15 -19.57
CA LEU D 32 -11.15 -22.39 -19.18
C LEU D 32 -11.26 -23.58 -18.24
N VAL D 33 -10.56 -24.67 -18.57
CA VAL D 33 -10.57 -25.85 -17.70
C VAL D 33 -9.92 -25.52 -16.37
N VAL D 34 -8.87 -24.69 -16.39
CA VAL D 34 -8.22 -24.28 -15.16
C VAL D 34 -9.19 -23.49 -14.28
N LEU D 35 -9.96 -22.59 -14.89
CA LEU D 35 -10.94 -21.82 -14.14
C LEU D 35 -12.00 -22.73 -13.52
N VAL D 36 -12.51 -23.68 -14.32
CA VAL D 36 -13.56 -24.57 -13.83
C VAL D 36 -13.04 -25.43 -12.69
N VAL D 37 -11.86 -26.03 -12.88
CA VAL D 37 -11.28 -26.90 -11.87
C VAL D 37 -10.96 -26.11 -10.61
N HIS D 38 -10.42 -24.89 -10.77
CA HIS D 38 -10.11 -24.08 -9.60
C HIS D 38 -11.37 -23.72 -8.82
N SER D 39 -12.45 -23.38 -9.52
CA SER D 39 -13.69 -23.06 -8.83
C SER D 39 -14.23 -24.26 -8.06
N VAL D 40 -14.24 -25.43 -8.69
CA VAL D 40 -14.76 -26.62 -8.03
C VAL D 40 -13.90 -27.00 -6.84
N MET D 41 -12.58 -27.03 -7.03
CA MET D 41 -11.68 -27.42 -5.95
C MET D 41 -11.69 -26.40 -4.83
N GLN D 42 -11.86 -25.12 -5.14
CA GLN D 42 -11.93 -24.11 -4.10
C GLN D 42 -13.23 -24.23 -3.31
N HIS D 43 -14.33 -24.54 -3.98
CA HIS D 43 -15.58 -24.80 -3.25
C HIS D 43 -15.41 -25.98 -2.30
N ARG D 44 -14.80 -27.06 -2.78
CA ARG D 44 -14.59 -28.23 -1.92
C ARG D 44 -13.67 -27.90 -0.77
N ALA D 45 -12.60 -27.14 -1.03
CA ALA D 45 -11.66 -26.77 0.03
C ALA D 45 -12.32 -25.88 1.08
N ILE D 46 -13.16 -24.95 0.64
CA ILE D 46 -13.88 -24.09 1.57
C ILE D 46 -14.79 -24.93 2.45
N LEU D 47 -15.54 -25.85 1.85
CA LEU D 47 -16.43 -26.70 2.63
C LEU D 47 -15.65 -27.60 3.57
N ARG D 48 -14.43 -27.99 3.19
CA ARG D 48 -13.57 -28.75 4.10
C ARG D 48 -13.17 -27.91 5.31
N GLY D 49 -12.79 -26.65 5.08
CA GLY D 49 -12.41 -25.79 6.18
C GLY D 49 -13.56 -25.41 7.08
N VAL D 50 -14.79 -25.44 6.54
CA VAL D 50 -15.97 -25.17 7.38
C VAL D 50 -16.12 -26.25 8.42
N ALA D 51 -15.97 -27.52 8.01
CA ALA D 51 -15.96 -28.62 8.97
C ALA D 51 -14.66 -28.69 9.77
N GLN D 52 -13.55 -28.22 9.19
CA GLN D 52 -12.29 -28.19 9.94
C GLN D 52 -12.37 -27.25 11.13
N GLN D 53 -12.97 -26.07 10.94
CA GLN D 53 -13.16 -25.14 12.05
C GLN D 53 -14.17 -25.64 13.06
N ARG D 54 -14.93 -26.68 12.73
CA ARG D 54 -15.82 -27.34 13.68
C ARG D 54 -15.07 -28.41 14.46
N ALA D 55 -13.95 -28.01 15.06
CA ALA D 55 -13.10 -28.91 15.82
C ALA D 55 -12.18 -28.13 16.75
N MET E 1 -32.00 19.88 24.80
CA MET E 1 -31.83 18.47 25.13
C MET E 1 -31.69 17.62 23.88
N GLY E 2 -30.62 16.83 23.81
CA GLY E 2 -30.40 15.97 22.67
C GLY E 2 -29.45 16.53 21.64
N MET E 3 -28.26 16.95 22.08
CA MET E 3 -27.23 17.37 21.13
C MET E 3 -26.84 16.22 20.21
N LEU E 4 -26.50 15.06 20.79
CA LEU E 4 -26.30 13.83 20.06
C LEU E 4 -27.31 12.79 20.52
N GLU E 5 -27.63 11.87 19.63
CA GLU E 5 -28.55 10.79 19.95
C GLU E 5 -28.14 9.54 19.19
N ALA E 6 -27.99 8.44 19.91
CA ALA E 6 -27.80 7.14 19.29
C ALA E 6 -29.16 6.50 19.08
N ARG E 7 -29.36 5.92 17.90
CA ARG E 7 -30.65 5.36 17.50
C ARG E 7 -30.42 3.91 17.10
N GLU E 8 -30.45 3.01 18.08
CA GLU E 8 -30.25 1.57 17.89
C GLU E 8 -29.05 1.28 16.98
N LEU E 9 -27.88 1.65 17.49
CA LEU E 9 -26.63 1.40 16.79
C LEU E 9 -26.22 -0.05 16.95
N LEU E 10 -25.90 -0.70 15.83
CA LEU E 10 -25.47 -2.08 15.80
C LEU E 10 -24.13 -2.18 15.09
N CYS E 11 -23.23 -2.99 15.64
CA CYS E 11 -21.95 -3.27 14.99
C CYS E 11 -21.58 -4.72 15.28
N GLU E 12 -21.57 -5.54 14.22
CA GLU E 12 -21.22 -6.95 14.31
C GLU E 12 -20.02 -7.19 13.42
N ARG E 13 -18.83 -7.13 14.00
CA ARG E 13 -17.58 -7.35 13.27
C ARG E 13 -17.20 -8.81 13.39
N ASP E 14 -17.23 -9.52 12.28
CA ASP E 14 -16.99 -10.98 12.20
C ASP E 14 -18.08 -11.66 13.03
N GLU E 15 -17.73 -12.71 13.78
CA GLU E 15 -18.73 -13.42 14.58
C GLU E 15 -19.04 -12.73 15.90
N ARG E 16 -18.29 -11.68 16.24
CA ARG E 16 -18.47 -10.98 17.51
C ARG E 16 -19.35 -9.76 17.30
N THR E 17 -20.41 -9.65 18.09
CA THR E 17 -21.26 -8.47 18.10
C THR E 17 -20.79 -7.54 19.21
N LEU E 18 -20.24 -6.39 18.81
CA LEU E 18 -19.71 -5.45 19.80
C LEU E 18 -20.84 -4.82 20.60
N PHE E 19 -21.89 -4.38 19.92
CA PHE E 19 -23.05 -3.82 20.59
C PHE E 19 -24.24 -3.93 19.65
N SER E 20 -25.44 -3.87 20.23
CA SER E 20 -26.66 -3.99 19.46
C SER E 20 -27.77 -3.24 20.18
N GLY E 21 -28.53 -2.44 19.45
CA GLY E 21 -29.61 -1.67 20.04
C GLY E 21 -29.14 -0.63 21.04
N LEU E 22 -28.03 0.05 20.76
CA LEU E 22 -27.54 1.11 21.62
C LEU E 22 -28.28 2.41 21.33
N SER E 23 -28.88 2.99 22.36
CA SER E 23 -29.59 4.26 22.22
C SER E 23 -29.32 5.10 23.45
N PHE E 24 -28.59 6.20 23.28
CA PHE E 24 -28.33 7.14 24.35
C PHE E 24 -28.39 8.55 23.80
N THR E 25 -29.06 9.44 24.53
CA THR E 25 -29.13 10.85 24.18
C THR E 25 -28.26 11.64 25.14
N LEU E 26 -27.59 12.66 24.62
CA LEU E 26 -26.62 13.45 25.38
C LEU E 26 -26.95 14.92 25.19
N ASN E 27 -27.40 15.58 26.26
CA ASN E 27 -27.66 17.01 26.21
C ASN E 27 -26.43 17.78 26.69
N ALA E 28 -26.56 19.09 26.84
CA ALA E 28 -25.42 19.91 27.23
C ALA E 28 -25.03 19.64 28.67
N GLY E 29 -23.73 19.49 28.90
CA GLY E 29 -23.21 19.26 30.24
C GLY E 29 -22.89 17.81 30.57
N GLU E 30 -22.95 16.92 29.60
CA GLU E 30 -22.77 15.49 29.84
C GLU E 30 -21.29 15.13 29.77
N TRP E 31 -20.78 14.56 30.85
CA TRP E 31 -19.43 14.00 30.89
C TRP E 31 -19.62 12.48 30.84
N VAL E 32 -19.56 11.92 29.63
CA VAL E 32 -19.92 10.53 29.37
C VAL E 32 -18.65 9.74 29.10
N GLN E 33 -18.48 8.63 29.81
CA GLN E 33 -17.38 7.71 29.60
C GLN E 33 -17.90 6.39 29.07
N ILE E 34 -17.33 5.93 27.96
CA ILE E 34 -17.67 4.63 27.40
C ILE E 34 -16.77 3.59 28.04
N THR E 35 -17.39 2.55 28.62
CA THR E 35 -16.67 1.57 29.40
C THR E 35 -16.58 0.25 28.63
N GLY E 36 -15.50 -0.48 28.88
CA GLY E 36 -15.29 -1.76 28.25
C GLY E 36 -13.87 -2.22 28.42
N SER E 37 -13.59 -3.40 27.88
CA SER E 37 -12.27 -3.99 27.93
C SER E 37 -11.50 -3.63 26.67
N ASN E 38 -10.35 -4.28 26.44
CA ASN E 38 -9.52 -3.96 25.29
C ASN E 38 -10.10 -4.46 23.98
N GLY E 39 -11.15 -5.27 24.01
CA GLY E 39 -11.72 -5.77 22.77
C GLY E 39 -13.09 -5.22 22.49
N ALA E 40 -13.75 -4.66 23.50
CA ALA E 40 -15.08 -4.13 23.35
C ALA E 40 -15.06 -2.95 22.38
N GLY E 41 -16.17 -2.75 21.68
CA GLY E 41 -16.24 -1.74 20.64
C GLY E 41 -16.31 -0.32 21.16
N LYS E 42 -15.25 0.13 21.84
CA LYS E 42 -15.19 1.50 22.35
C LYS E 42 -14.71 2.48 21.29
N THR E 43 -13.58 2.17 20.64
CA THR E 43 -13.13 3.01 19.53
C THR E 43 -14.10 2.95 18.37
N THR E 44 -14.68 1.77 18.12
CA THR E 44 -15.66 1.65 17.04
C THR E 44 -16.87 2.54 17.29
N LEU E 45 -17.38 2.57 18.52
CA LEU E 45 -18.51 3.44 18.82
C LEU E 45 -18.13 4.90 18.68
N LEU E 46 -16.93 5.27 19.11
CA LEU E 46 -16.50 6.66 19.02
C LEU E 46 -16.35 7.10 17.57
N ARG E 47 -15.81 6.24 16.72
CA ARG E 47 -15.71 6.57 15.31
C ARG E 47 -17.08 6.62 14.64
N LEU E 48 -18.06 5.92 15.19
CA LEU E 48 -19.43 6.03 14.70
C LEU E 48 -20.03 7.37 15.10
N LEU E 49 -19.72 7.84 16.31
CA LEU E 49 -20.27 9.11 16.79
C LEU E 49 -19.72 10.28 15.99
N THR E 50 -18.45 10.22 15.61
CA THR E 50 -17.84 11.29 14.82
C THR E 50 -18.23 11.23 13.35
N GLY E 51 -18.83 10.14 12.89
CA GLY E 51 -19.21 9.98 11.50
C GLY E 51 -18.12 9.42 10.61
N LEU E 52 -16.95 9.08 11.15
CA LEU E 52 -15.89 8.51 10.33
C LEU E 52 -16.30 7.16 9.75
N SER E 53 -16.97 6.34 10.55
CA SER E 53 -17.45 5.04 10.11
C SER E 53 -18.96 5.00 10.17
N ARG E 54 -19.59 4.46 9.13
CA ARG E 54 -21.03 4.39 9.23
C ARG E 54 -21.46 3.08 9.90
N PRO E 55 -22.50 3.10 10.70
CA PRO E 55 -22.90 1.89 11.44
C PRO E 55 -23.47 0.83 10.50
N ASP E 56 -23.37 -0.42 10.95
CA ASP E 56 -24.06 -1.50 10.25
C ASP E 56 -25.56 -1.31 10.29
N ALA E 57 -26.09 -0.88 11.44
CA ALA E 57 -27.49 -0.54 11.59
C ALA E 57 -27.62 0.65 12.52
N GLY E 58 -28.73 1.36 12.41
CA GLY E 58 -28.94 2.55 13.19
C GLY E 58 -28.19 3.75 12.62
N GLU E 59 -28.33 4.88 13.32
CA GLU E 59 -27.70 6.11 12.86
C GLU E 59 -27.47 7.03 14.04
N VAL E 60 -26.57 7.99 13.84
CA VAL E 60 -26.27 9.01 14.83
C VAL E 60 -26.83 10.34 14.34
N LEU E 61 -27.55 11.03 15.21
CA LEU E 61 -28.18 12.29 14.86
C LEU E 61 -27.56 13.42 15.67
N TRP E 62 -27.05 14.43 14.98
CA TRP E 62 -26.51 15.63 15.62
C TRP E 62 -27.59 16.70 15.61
N GLN E 63 -28.09 17.05 16.81
CA GLN E 63 -29.13 18.04 17.06
C GLN E 63 -30.49 17.62 16.52
N GLY E 64 -30.61 16.43 15.94
CA GLY E 64 -31.89 15.97 15.44
C GLY E 64 -31.85 15.54 13.98
N GLN E 65 -30.68 15.61 13.36
CA GLN E 65 -30.53 15.27 11.95
C GLN E 65 -29.34 14.35 11.75
N PRO E 66 -29.42 13.47 10.76
CA PRO E 66 -28.31 12.52 10.54
C PRO E 66 -27.01 13.24 10.20
N LEU E 67 -25.90 12.58 10.53
CA LEU E 67 -24.59 13.22 10.43
C LEU E 67 -24.27 13.61 8.99
N HIS E 68 -24.56 12.74 8.03
CA HIS E 68 -24.22 13.04 6.65
C HIS E 68 -25.01 14.22 6.12
N GLN E 69 -26.22 14.44 6.63
CA GLN E 69 -27.03 15.57 6.16
C GLN E 69 -26.49 16.89 6.68
N VAL E 70 -26.01 16.93 7.92
CA VAL E 70 -25.56 18.16 8.55
C VAL E 70 -24.07 18.07 8.82
N ARG E 71 -23.35 17.40 7.93
CA ARG E 71 -21.91 17.23 8.10
C ARG E 71 -21.18 18.57 8.17
N ASP E 72 -21.73 19.61 7.55
CA ASP E 72 -21.08 20.91 7.58
C ASP E 72 -21.15 21.54 8.97
N SER E 73 -22.33 21.54 9.58
CA SER E 73 -22.52 22.16 10.88
C SER E 73 -22.15 21.24 12.04
N TYR E 74 -22.00 19.93 11.79
CA TYR E 74 -21.55 19.02 12.83
C TYR E 74 -20.07 19.22 13.12
N HIS E 75 -19.26 19.35 12.06
CA HIS E 75 -17.82 19.52 12.23
C HIS E 75 -17.46 20.85 12.88
N GLN E 76 -18.36 21.83 12.86
CA GLN E 76 -18.08 23.08 13.55
C GLN E 76 -17.96 22.88 15.05
N ASN E 77 -18.87 22.10 15.63
CA ASN E 77 -18.84 21.76 17.06
C ASN E 77 -18.49 20.28 17.19
N LEU E 78 -17.20 19.97 17.16
CA LEU E 78 -16.73 18.60 17.28
C LEU E 78 -15.23 18.62 17.49
N LEU E 79 -14.74 17.77 18.38
CA LEU E 79 -13.31 17.66 18.65
C LEU E 79 -12.95 16.19 18.85
N TRP E 80 -12.23 15.64 17.89
CA TRP E 80 -11.70 14.27 17.94
C TRP E 80 -10.19 14.27 18.10
N ILE E 81 -9.73 13.58 19.15
CA ILE E 81 -8.33 13.21 19.31
C ILE E 81 -8.38 11.72 19.61
N GLY E 82 -8.07 10.89 18.62
CA GLY E 82 -8.16 9.45 18.75
C GLY E 82 -6.89 8.84 19.29
N HIS E 83 -6.72 7.55 19.03
CA HIS E 83 -5.49 6.88 19.39
C HIS E 83 -4.30 7.49 18.64
N GLN E 84 -4.49 7.79 17.37
CA GLN E 84 -3.51 8.53 16.61
C GLN E 84 -3.67 10.02 16.88
N PRO E 85 -2.61 10.73 17.26
CA PRO E 85 -2.78 12.13 17.69
C PRO E 85 -3.32 13.04 16.60
N GLY E 86 -3.03 12.76 15.34
CA GLY E 86 -3.49 13.60 14.26
C GLY E 86 -2.61 14.79 13.97
N ILE E 87 -1.31 14.69 14.24
CA ILE E 87 -0.37 15.79 14.05
C ILE E 87 0.78 15.32 13.18
N LYS E 88 1.41 16.27 12.50
CA LYS E 88 2.52 15.97 11.60
C LYS E 88 3.82 15.93 12.39
N THR E 89 4.57 14.83 12.24
CA THR E 89 5.77 14.64 13.04
C THR E 89 6.89 15.60 12.63
N ARG E 90 7.01 15.91 11.34
CA ARG E 90 8.09 16.77 10.89
C ARG E 90 7.83 18.24 11.14
N LEU E 91 6.60 18.63 11.47
CA LEU E 91 6.29 20.01 11.81
C LEU E 91 6.47 20.24 13.30
N THR E 92 6.70 21.49 13.67
CA THR E 92 6.87 21.82 15.07
C THR E 92 5.53 21.75 15.79
N ALA E 93 5.59 21.80 17.12
CA ALA E 93 4.37 21.75 17.91
C ALA E 93 3.48 22.96 17.64
N LEU E 94 4.09 24.14 17.53
CA LEU E 94 3.32 25.35 17.25
C LEU E 94 2.72 25.32 15.86
N GLU E 95 3.47 24.82 14.88
CA GLU E 95 2.97 24.75 13.50
C GLU E 95 1.79 23.78 13.39
N ASN E 96 1.87 22.65 14.09
CA ASN E 96 0.76 21.70 14.09
C ASN E 96 -0.48 22.31 14.73
N LEU E 97 -0.31 23.02 15.84
CA LEU E 97 -1.44 23.65 16.49
C LEU E 97 -1.89 24.90 15.74
N HIS E 98 -0.98 25.50 14.97
CA HIS E 98 -1.35 26.63 14.13
C HIS E 98 -2.38 26.24 13.08
N PHE E 99 -2.39 24.97 12.67
CA PHE E 99 -3.31 24.51 11.63
C PHE E 99 -4.73 24.40 12.15
N TYR E 100 -4.91 24.17 13.45
CA TYR E 100 -6.21 23.90 14.02
C TYR E 100 -6.90 25.13 14.61
N HIS E 101 -6.31 26.31 14.51
CA HIS E 101 -6.90 27.51 15.07
C HIS E 101 -7.51 28.36 13.97
N ARG E 102 -8.72 28.87 14.23
CA ARG E 102 -9.46 29.62 13.22
C ARG E 102 -8.85 31.00 12.97
N ASP E 103 -8.50 31.73 14.03
CA ASP E 103 -7.94 33.07 13.89
C ASP E 103 -7.30 33.49 15.21
N GLY E 104 -6.48 34.53 15.14
CA GLY E 104 -5.78 35.03 16.30
C GLY E 104 -4.66 34.16 16.80
N ASP E 105 -4.25 33.17 16.02
CA ASP E 105 -3.25 32.20 16.42
C ASP E 105 -1.85 32.81 16.39
N THR E 106 -0.86 31.96 16.73
CA THR E 106 0.55 32.32 16.88
C THR E 106 0.72 33.20 18.11
N ALA E 107 -0.38 33.52 18.77
CA ALA E 107 -0.38 34.17 20.07
C ALA E 107 -1.28 33.47 21.08
N GLN E 108 -2.36 32.83 20.63
CA GLN E 108 -3.18 31.98 21.47
C GLN E 108 -2.73 30.52 21.41
N CYS E 109 -2.09 30.12 20.31
CA CYS E 109 -1.51 28.79 20.24
C CYS E 109 -0.35 28.64 21.20
N LEU E 110 0.44 29.70 21.37
CA LEU E 110 1.54 29.68 22.33
C LEU E 110 1.02 29.50 23.75
N GLU E 111 -0.06 30.22 24.10
CA GLU E 111 -0.63 30.07 25.43
C GLU E 111 -1.27 28.70 25.61
N ALA E 112 -1.90 28.18 24.56
CA ALA E 112 -2.52 26.86 24.65
C ALA E 112 -1.48 25.78 24.88
N LEU E 113 -0.34 25.87 24.20
CA LEU E 113 0.73 24.90 24.43
C LEU E 113 1.31 25.04 25.82
N ALA E 114 1.33 26.24 26.37
CA ALA E 114 1.77 26.44 27.75
C ALA E 114 0.84 25.73 28.73
N GLN E 115 -0.47 25.79 28.46
CA GLN E 115 -1.43 25.11 29.33
C GLN E 115 -1.28 23.60 29.23
N ALA E 116 -1.04 23.08 28.02
CA ALA E 116 -0.88 21.64 27.84
C ALA E 116 0.42 21.12 28.45
N GLY E 117 1.34 22.00 28.81
CA GLY E 117 2.60 21.60 29.38
C GLY E 117 3.76 21.52 28.43
N LEU E 118 3.76 22.33 27.37
CA LEU E 118 4.82 22.33 26.36
C LEU E 118 5.44 23.70 26.22
N ALA E 119 5.71 24.36 27.35
CA ALA E 119 6.38 25.66 27.33
C ALA E 119 7.86 25.46 27.12
N GLY E 120 8.38 25.98 26.01
CA GLY E 120 9.76 25.78 25.62
C GLY E 120 9.97 24.77 24.52
N PHE E 121 8.94 24.00 24.17
CA PHE E 121 9.02 23.02 23.09
C PHE E 121 8.12 23.40 21.92
N GLU E 122 7.80 24.68 21.77
CA GLU E 122 6.90 25.11 20.71
C GLU E 122 7.58 25.11 19.35
N ASP E 123 8.90 25.34 19.31
CA ASP E 123 9.64 25.45 18.06
C ASP E 123 10.48 24.21 17.78
N ILE E 124 10.07 23.07 18.30
CA ILE E 124 10.78 21.81 18.15
C ILE E 124 9.90 20.86 17.35
N PRO E 125 10.43 20.16 16.34
CA PRO E 125 9.60 19.23 15.58
C PRO E 125 9.01 18.14 16.46
N VAL E 126 7.83 17.67 16.06
CA VAL E 126 7.09 16.70 16.86
C VAL E 126 7.86 15.40 16.99
N ASN E 127 8.50 14.94 15.91
CA ASN E 127 9.22 13.69 15.97
C ASN E 127 10.41 13.74 16.93
N GLN E 128 10.85 14.94 17.29
CA GLN E 128 11.92 15.12 18.26
C GLN E 128 11.40 15.26 19.69
N LEU E 129 10.10 15.12 19.90
CA LEU E 129 9.51 15.20 21.23
C LEU E 129 9.33 13.81 21.81
N SER E 130 9.06 13.76 23.11
CA SER E 130 8.84 12.51 23.78
C SER E 130 7.47 11.93 23.40
N ALA E 131 7.24 10.68 23.81
CA ALA E 131 5.99 10.02 23.47
C ALA E 131 4.79 10.73 24.10
N GLY E 132 4.92 11.15 25.35
CA GLY E 132 3.84 11.88 26.00
C GLY E 132 3.79 13.35 25.66
N GLN E 133 4.92 13.94 25.27
CA GLN E 133 4.89 15.31 24.79
C GLN E 133 4.31 15.41 23.39
N GLN E 134 4.43 14.34 22.61
CA GLN E 134 3.76 14.30 21.32
C GLN E 134 2.26 14.22 21.47
N ARG E 135 1.77 13.57 22.52
CA ARG E 135 0.34 13.52 22.78
C ARG E 135 -0.19 14.87 23.24
N ARG E 136 0.64 15.65 23.94
CA ARG E 136 0.20 16.94 24.46
C ARG E 136 0.00 17.98 23.37
N VAL E 137 0.64 17.79 22.21
CA VAL E 137 0.43 18.71 21.09
C VAL E 137 -1.01 18.65 20.61
N ALA E 138 -1.54 17.44 20.47
CA ALA E 138 -2.94 17.29 20.07
C ALA E 138 -3.88 17.68 21.19
N LEU E 139 -3.49 17.45 22.44
CA LEU E 139 -4.32 17.82 23.57
C LEU E 139 -4.27 19.32 23.87
N ALA E 140 -3.35 20.06 23.25
CA ALA E 140 -3.34 21.51 23.39
C ALA E 140 -4.54 22.15 22.71
N ARG E 141 -5.21 21.43 21.81
CA ARG E 141 -6.42 21.93 21.18
C ARG E 141 -7.56 22.08 22.18
N LEU E 142 -7.50 21.39 23.32
CA LEU E 142 -8.54 21.52 24.32
C LEU E 142 -8.63 22.93 24.87
N TRP E 143 -7.53 23.67 24.83
CA TRP E 143 -7.48 25.04 25.32
C TRP E 143 -7.71 26.07 24.21
N LEU E 144 -7.91 25.63 22.97
CA LEU E 144 -8.15 26.52 21.84
C LEU E 144 -9.54 26.38 21.26
N THR E 145 -10.02 25.15 21.09
CA THR E 145 -11.27 24.91 20.37
C THR E 145 -12.44 25.53 21.10
N ARG E 146 -13.36 26.11 20.31
CA ARG E 146 -14.67 26.52 20.79
C ARG E 146 -15.73 25.48 20.51
N ALA E 147 -15.32 24.29 20.08
CA ALA E 147 -16.27 23.21 19.83
C ALA E 147 -16.97 22.80 21.12
N THR E 148 -18.27 22.54 21.02
CA THR E 148 -19.07 22.13 22.16
C THR E 148 -18.96 20.63 22.44
N LEU E 149 -18.65 19.84 21.43
CA LEU E 149 -18.57 18.40 21.55
C LEU E 149 -17.11 17.96 21.52
N TRP E 150 -16.64 17.35 22.61
CA TRP E 150 -15.33 16.72 22.66
C TRP E 150 -15.53 15.21 22.75
N ILE E 151 -14.93 14.47 21.82
CA ILE E 151 -14.99 13.02 21.82
C ILE E 151 -13.53 12.54 21.86
N LEU E 152 -13.09 12.10 23.03
CA LEU E 152 -11.69 11.78 23.28
C LEU E 152 -11.53 10.28 23.43
N ASP E 153 -10.51 9.73 22.77
CA ASP E 153 -10.25 8.30 22.79
C ASP E 153 -8.93 8.07 23.50
N GLU E 154 -8.99 7.78 24.81
CA GLU E 154 -7.84 7.61 25.67
C GLU E 154 -6.90 8.80 25.61
N PRO E 155 -7.29 9.95 26.18
CA PRO E 155 -6.40 11.13 26.17
C PRO E 155 -5.22 11.00 27.12
N PHE E 156 -5.23 10.04 28.04
CA PHE E 156 -4.15 9.85 29.00
C PHE E 156 -3.20 8.74 28.57
N THR E 157 -2.97 8.59 27.27
CA THR E 157 -2.22 7.43 26.77
C THR E 157 -0.79 7.42 27.31
N ALA E 158 -0.12 8.57 27.29
CA ALA E 158 1.26 8.63 27.75
C ALA E 158 1.51 9.89 28.58
N ILE E 159 0.48 10.40 29.24
CA ILE E 159 0.57 11.66 29.97
C ILE E 159 0.93 11.38 31.42
N ASP E 160 1.74 12.25 32.00
CA ASP E 160 2.19 12.11 33.37
C ASP E 160 1.02 12.32 34.33
N VAL E 161 1.30 12.17 35.63
CA VAL E 161 0.27 12.36 36.63
C VAL E 161 -0.17 13.83 36.69
N ASN E 162 0.77 14.76 36.53
CA ASN E 162 0.42 16.17 36.52
C ASN E 162 -0.34 16.55 35.26
N GLY E 163 0.07 16.02 34.12
CA GLY E 163 -0.64 16.30 32.88
C GLY E 163 -2.04 15.73 32.86
N VAL E 164 -2.22 14.55 33.45
CA VAL E 164 -3.56 13.96 33.55
C VAL E 164 -4.44 14.82 34.46
N ASP E 165 -3.85 15.37 35.53
CA ASP E 165 -4.61 16.25 36.42
C ASP E 165 -5.07 17.50 35.68
N ARG E 166 -4.22 18.08 34.84
CA ARG E 166 -4.61 19.27 34.09
C ARG E 166 -5.63 18.94 33.01
N LEU E 167 -5.53 17.77 32.39
CA LEU E 167 -6.52 17.37 31.41
C LEU E 167 -7.88 17.13 32.07
N THR E 168 -7.89 16.50 33.25
CA THR E 168 -9.14 16.29 33.96
C THR E 168 -9.80 17.60 34.34
N GLN E 169 -9.01 18.56 34.84
CA GLN E 169 -9.55 19.87 35.15
C GLN E 169 -9.98 20.61 33.89
N ARG E 170 -9.31 20.36 32.77
CA ARG E 170 -9.66 21.02 31.52
C ARG E 170 -11.04 20.59 31.04
N MET E 171 -11.27 19.28 30.95
CA MET E 171 -12.58 18.79 30.52
C MET E 171 -13.50 18.56 31.71
N ALA E 172 -13.49 19.49 32.62
CA ALA E 172 -14.42 19.56 33.73
C ALA E 172 -15.09 20.91 33.82
N GLN E 173 -14.37 21.98 33.49
CA GLN E 173 -14.99 23.28 33.28
C GLN E 173 -15.56 23.44 31.89
N HIS E 174 -15.21 22.54 30.96
CA HIS E 174 -15.87 22.52 29.66
C HIS E 174 -17.29 22.01 29.78
N THR E 175 -17.51 21.01 30.64
CA THR E 175 -18.84 20.50 30.87
C THR E 175 -19.62 21.34 31.87
N GLU E 176 -18.94 22.21 32.63
CA GLU E 176 -19.64 23.12 33.52
C GLU E 176 -20.30 24.26 32.77
N GLN E 177 -19.71 24.68 31.64
CA GLN E 177 -20.31 25.74 30.84
C GLN E 177 -21.46 25.23 29.97
N GLY E 178 -21.52 23.92 29.73
CA GLY E 178 -22.57 23.36 28.89
C GLY E 178 -22.04 22.59 27.70
N GLY E 179 -20.83 22.06 27.82
CA GLY E 179 -20.24 21.25 26.78
C GLY E 179 -20.41 19.77 27.03
N ILE E 180 -20.01 18.98 26.03
CA ILE E 180 -20.11 17.53 26.09
C ILE E 180 -18.72 16.94 25.92
N VAL E 181 -18.37 16.02 26.81
CA VAL E 181 -17.11 15.30 26.72
C VAL E 181 -17.43 13.82 26.70
N ILE E 182 -17.14 13.17 25.57
CA ILE E 182 -17.30 11.73 25.42
C ILE E 182 -15.92 11.11 25.54
N LEU E 183 -15.77 10.17 26.46
CA LEU E 183 -14.46 9.74 26.91
C LEU E 183 -14.37 8.21 26.92
N THR E 184 -13.20 7.69 26.56
CA THR E 184 -12.89 6.27 26.75
C THR E 184 -11.51 6.21 27.38
N THR E 185 -11.45 5.78 28.64
CA THR E 185 -10.19 5.76 29.36
C THR E 185 -10.04 4.46 30.12
N HIS E 186 -8.78 4.07 30.37
CA HIS E 186 -8.45 2.93 31.21
C HIS E 186 -7.97 3.36 32.59
N GLN E 187 -7.27 4.47 32.69
CA GLN E 187 -6.96 5.07 33.99
C GLN E 187 -8.26 5.56 34.61
N PRO E 188 -8.51 5.29 35.90
CA PRO E 188 -9.73 5.81 36.51
C PRO E 188 -9.65 7.31 36.71
N LEU E 189 -10.74 7.99 36.39
CA LEU E 189 -10.79 9.44 36.52
C LEU E 189 -10.81 9.86 37.98
N ASN E 190 -10.09 10.93 38.29
CA ASN E 190 -10.03 11.46 39.66
C ASN E 190 -11.12 12.49 39.90
N VAL E 191 -12.36 12.08 39.60
CA VAL E 191 -13.54 12.91 39.79
C VAL E 191 -14.62 12.04 40.41
N ALA E 192 -15.57 12.68 41.07
CA ALA E 192 -16.62 11.96 41.77
C ALA E 192 -17.45 11.14 40.80
N GLU E 193 -18.04 10.05 41.31
CA GLU E 193 -18.81 9.15 40.46
C GLU E 193 -20.05 9.84 39.89
N SER E 194 -20.58 10.84 40.58
CA SER E 194 -21.76 11.54 40.11
C SER E 194 -21.48 12.41 38.88
N LYS E 195 -20.23 12.78 38.65
CA LYS E 195 -19.90 13.68 37.54
C LYS E 195 -19.68 12.95 36.23
N ILE E 196 -19.67 11.61 36.23
CA ILE E 196 -19.41 10.82 35.04
C ILE E 196 -20.61 9.93 34.77
N ARG E 197 -21.08 9.90 33.53
CA ARG E 197 -22.17 9.05 33.12
C ARG E 197 -21.58 7.82 32.43
N ARG E 198 -21.39 6.75 33.19
CA ARG E 198 -20.87 5.50 32.62
C ARG E 198 -21.95 4.84 31.80
N ILE E 199 -21.68 4.59 30.52
CA ILE E 199 -22.54 3.78 29.68
C ILE E 199 -21.69 2.70 29.01
N SER E 200 -22.14 1.46 29.11
CA SER E 200 -21.42 0.31 28.59
C SER E 200 -22.03 -0.14 27.27
N LEU E 201 -21.30 -1.02 26.58
CA LEU E 201 -21.71 -1.51 25.27
C LEU E 201 -22.64 -2.71 25.44
N THR E 202 -23.81 -2.43 25.98
CA THR E 202 -24.84 -3.45 26.18
C THR E 202 -25.87 -3.40 25.07
N MET F 1 -8.23 24.36 8.23
CA MET F 1 -9.64 24.16 7.99
C MET F 1 -10.01 24.78 6.65
N MET F 2 -9.28 25.83 6.27
CA MET F 2 -9.50 26.47 4.98
C MET F 2 -8.91 25.64 3.85
N PHE F 3 -9.30 25.97 2.63
CA PHE F 3 -8.74 25.32 1.45
C PHE F 3 -7.27 25.68 1.29
N TRP F 4 -6.96 26.98 1.33
CA TRP F 4 -5.59 27.43 1.17
C TRP F 4 -4.74 27.08 2.37
N ARG F 5 -5.34 27.00 3.56
CA ARG F 5 -4.60 26.55 4.74
C ARG F 5 -4.12 25.12 4.57
N ILE F 6 -4.99 24.25 4.06
CA ILE F 6 -4.60 22.86 3.79
C ILE F 6 -3.54 22.81 2.70
N PHE F 7 -3.70 23.64 1.66
CA PHE F 7 -2.71 23.70 0.60
C PHE F 7 -1.32 24.06 1.16
N ARG F 8 -1.26 25.13 1.96
CA ARG F 8 0.01 25.57 2.53
C ARG F 8 0.56 24.55 3.50
N LEU F 9 -0.30 23.88 4.27
CA LEU F 9 0.18 22.85 5.19
C LEU F 9 0.82 21.69 4.43
N GLU F 10 0.20 21.25 3.34
CA GLU F 10 0.78 20.17 2.56
C GLU F 10 2.08 20.60 1.89
N LEU F 11 2.13 21.86 1.43
CA LEU F 11 3.38 22.38 0.87
C LEU F 11 4.50 22.35 1.91
N ARG F 12 4.20 22.81 3.12
CA ARG F 12 5.20 22.84 4.18
C ARG F 12 5.63 21.44 4.58
N VAL F 13 4.69 20.49 4.64
CA VAL F 13 5.03 19.12 4.97
C VAL F 13 5.93 18.52 3.90
N ALA F 14 5.61 18.77 2.63
CA ALA F 14 6.42 18.25 1.54
C ALA F 14 7.82 18.85 1.54
N PHE F 15 7.93 20.14 1.84
CA PHE F 15 9.25 20.77 1.84
C PHE F 15 10.17 20.17 2.89
N ARG F 16 9.64 19.85 4.07
CA ARG F 16 10.43 19.24 5.12
C ARG F 16 10.63 17.75 4.93
N HIS F 17 9.90 17.12 4.01
CA HIS F 17 10.21 15.75 3.57
C HIS F 17 11.13 15.77 2.36
N SER F 18 12.21 16.52 2.47
CA SER F 18 13.18 16.61 1.38
C SER F 18 13.93 15.30 1.24
N ALA F 19 14.57 15.13 0.08
CA ALA F 19 15.21 13.90 -0.38
C ALA F 19 14.19 12.81 -0.69
N GLU F 20 12.91 13.06 -0.44
CA GLU F 20 11.82 12.22 -0.92
C GLU F 20 11.10 12.84 -2.11
N ILE F 21 11.15 14.17 -2.23
CA ILE F 21 10.65 14.84 -3.42
C ILE F 21 11.75 15.03 -4.46
N ALA F 22 13.02 14.92 -4.07
CA ALA F 22 14.12 15.02 -5.01
C ALA F 22 14.39 13.70 -5.72
N ASN F 23 13.99 12.58 -5.12
CA ASN F 23 14.20 11.28 -5.77
C ASN F 23 13.43 11.15 -7.10
N PRO F 24 12.16 11.54 -7.22
CA PRO F 24 11.54 11.55 -8.55
C PRO F 24 12.28 12.43 -9.55
N LEU F 25 12.81 13.57 -9.11
CA LEU F 25 13.56 14.43 -10.01
C LEU F 25 14.83 13.74 -10.49
N TRP F 26 15.54 13.08 -9.59
CA TRP F 26 16.73 12.33 -9.99
C TRP F 26 16.38 11.22 -10.96
N PHE F 27 15.27 10.51 -10.70
CA PHE F 27 14.85 9.45 -11.61
C PHE F 27 14.52 10.00 -12.99
N PHE F 28 13.84 11.14 -13.03
CA PHE F 28 13.52 11.78 -14.31
C PHE F 28 14.79 12.12 -15.08
N LEU F 29 15.77 12.70 -14.39
CA LEU F 29 17.02 13.08 -15.05
C LEU F 29 17.77 11.86 -15.56
N ILE F 30 17.85 10.81 -14.75
CA ILE F 30 18.55 9.60 -15.17
C ILE F 30 17.85 8.94 -16.35
N VAL F 31 16.52 8.91 -16.34
CA VAL F 31 15.80 8.29 -17.45
C VAL F 31 16.01 9.09 -18.73
N ILE F 32 15.93 10.42 -18.66
CA ILE F 32 16.12 11.22 -19.88
C ILE F 32 17.57 11.30 -20.31
N THR F 33 18.51 10.91 -19.47
CA THR F 33 19.92 10.92 -19.84
C THR F 33 20.43 9.56 -20.31
N LEU F 34 19.84 8.46 -19.82
CA LEU F 34 20.34 7.13 -20.14
C LEU F 34 20.21 6.82 -21.63
N PHE F 35 19.05 7.13 -22.22
CA PHE F 35 18.84 6.84 -23.63
C PHE F 35 19.78 7.61 -24.56
N PRO F 36 19.97 8.93 -24.39
CA PRO F 36 20.97 9.61 -25.24
C PRO F 36 22.38 9.06 -25.05
N LEU F 37 22.68 8.50 -23.89
CA LEU F 37 23.97 7.83 -23.70
C LEU F 37 24.03 6.53 -24.48
N SER F 38 22.94 5.76 -24.48
CA SER F 38 22.92 4.51 -25.21
C SER F 38 23.05 4.73 -26.71
N ILE F 39 22.22 5.61 -27.26
CA ILE F 39 22.27 5.90 -28.70
C ILE F 39 23.38 6.91 -28.95
N GLY F 40 24.32 6.57 -29.82
CA GLY F 40 25.49 7.39 -30.05
C GLY F 40 25.19 8.64 -30.85
N PRO F 41 26.17 9.07 -31.65
CA PRO F 41 25.97 10.27 -32.47
C PRO F 41 24.97 10.04 -33.61
N GLU F 42 23.70 9.91 -33.24
CA GLU F 42 22.60 9.75 -34.20
C GLU F 42 21.55 10.80 -33.88
N PRO F 43 21.72 12.03 -34.39
CA PRO F 43 20.73 13.07 -34.11
C PRO F 43 19.34 12.74 -34.62
N GLN F 44 19.24 12.06 -35.76
CA GLN F 44 17.93 11.72 -36.31
C GLN F 44 17.17 10.76 -35.40
N LEU F 45 17.86 9.75 -34.86
CA LEU F 45 17.17 8.78 -34.02
C LEU F 45 16.86 9.34 -32.65
N LEU F 46 17.67 10.29 -32.17
CA LEU F 46 17.38 10.94 -30.90
C LEU F 46 16.10 11.76 -30.99
N ALA F 47 15.90 12.47 -32.11
CA ALA F 47 14.72 13.29 -32.26
C ALA F 47 13.44 12.48 -32.30
N ARG F 48 13.51 11.23 -32.78
CA ARG F 48 12.33 10.39 -32.86
C ARG F 48 11.93 9.84 -31.49
N ILE F 49 12.89 9.58 -30.61
CA ILE F 49 12.61 9.00 -29.31
C ILE F 49 12.55 10.02 -28.19
N ALA F 50 12.91 11.27 -28.46
CA ALA F 50 12.95 12.28 -27.38
C ALA F 50 11.59 12.51 -26.74
N PRO F 51 10.52 12.81 -27.47
CA PRO F 51 9.22 13.02 -26.78
C PRO F 51 8.77 11.81 -25.99
N GLY F 52 8.94 10.61 -26.55
CA GLY F 52 8.48 9.42 -25.87
C GLY F 52 9.19 9.17 -24.57
N ILE F 53 10.53 9.27 -24.59
CA ILE F 53 11.28 9.04 -23.36
C ILE F 53 11.02 10.16 -22.36
N ILE F 54 10.84 11.39 -22.85
CA ILE F 54 10.55 12.50 -21.93
C ILE F 54 9.25 12.26 -21.19
N TRP F 55 8.20 11.86 -21.91
CA TRP F 55 6.92 11.69 -21.25
C TRP F 55 6.83 10.39 -20.46
N VAL F 56 7.55 9.35 -20.86
CA VAL F 56 7.64 8.15 -20.03
C VAL F 56 8.35 8.47 -18.73
N ALA F 57 9.43 9.27 -18.79
CA ALA F 57 10.12 9.69 -17.59
C ALA F 57 9.21 10.52 -16.69
N ALA F 58 8.42 11.42 -17.29
CA ALA F 58 7.47 12.19 -16.50
C ALA F 58 6.46 11.29 -15.80
N LEU F 59 5.92 10.32 -16.53
CA LEU F 59 4.96 9.39 -15.93
C LEU F 59 5.58 8.61 -14.79
N LEU F 60 6.77 8.06 -14.99
CA LEU F 60 7.40 7.22 -13.97
C LEU F 60 7.81 8.05 -12.76
N SER F 61 8.28 9.28 -12.98
CA SER F 61 8.58 10.17 -11.86
C SER F 61 7.31 10.50 -11.08
N SER F 62 6.19 10.71 -11.78
CA SER F 62 4.93 10.97 -11.10
C SER F 62 4.51 9.77 -10.25
N LEU F 63 4.67 8.55 -10.78
CA LEU F 63 4.38 7.36 -9.97
C LEU F 63 5.30 7.25 -8.77
N LEU F 64 6.58 7.60 -8.93
CA LEU F 64 7.49 7.57 -7.80
C LEU F 64 7.06 8.57 -6.72
N ALA F 65 6.63 9.76 -7.13
CA ALA F 65 6.23 10.78 -6.17
C ALA F 65 4.85 10.54 -5.58
N LEU F 66 3.98 9.77 -6.25
CA LEU F 66 2.61 9.60 -5.80
C LEU F 66 2.50 8.81 -4.50
N GLU F 67 3.57 8.17 -4.05
CA GLU F 67 3.50 7.37 -2.84
C GLU F 67 3.13 8.22 -1.63
N ARG F 68 3.68 9.42 -1.54
CA ARG F 68 3.57 10.27 -0.35
C ARG F 68 2.34 11.16 -0.36
N LEU F 69 1.41 10.97 -1.29
CA LEU F 69 0.26 11.85 -1.36
C LEU F 69 -0.61 11.75 -0.12
N PHE F 70 -1.01 10.53 0.26
CA PHE F 70 -1.81 10.31 1.46
C PHE F 70 -1.12 9.35 2.43
N ARG F 71 0.11 8.95 2.14
CA ARG F 71 0.78 7.90 2.90
C ARG F 71 0.98 8.29 4.35
N ASP F 72 1.60 9.44 4.60
CA ASP F 72 1.85 9.88 5.98
C ASP F 72 0.68 10.70 6.52
N ASP F 73 -0.51 10.19 6.32
CA ASP F 73 -1.75 10.72 6.86
C ASP F 73 -2.56 9.66 7.57
N LEU F 74 -2.58 8.44 7.05
CA LEU F 74 -3.35 7.37 7.68
C LEU F 74 -2.75 6.98 9.03
N GLN F 75 -1.42 7.02 9.16
CA GLN F 75 -0.80 6.69 10.44
C GLN F 75 -1.20 7.70 11.51
N ASP F 76 -1.25 8.99 11.16
CA ASP F 76 -1.52 10.04 12.14
C ASP F 76 -2.82 10.78 11.88
N GLY F 77 -2.98 11.42 10.72
CA GLY F 77 -4.03 12.40 10.56
C GLY F 77 -4.73 12.48 9.21
N SER F 78 -5.01 11.33 8.58
CA SER F 78 -5.90 11.34 7.42
C SER F 78 -7.29 11.80 7.84
N LEU F 79 -7.78 11.29 8.97
CA LEU F 79 -8.90 11.92 9.65
C LEU F 79 -8.45 13.27 10.21
N GLU F 80 -9.34 13.94 10.94
CA GLU F 80 -9.27 15.36 11.28
C GLU F 80 -9.55 16.23 10.05
N GLN F 81 -9.64 15.63 8.87
CA GLN F 81 -10.06 16.30 7.66
C GLN F 81 -11.36 15.73 7.11
N LEU F 82 -11.51 14.40 7.17
CA LEU F 82 -12.82 13.81 6.95
C LEU F 82 -13.77 14.15 8.09
N MET F 83 -13.32 13.96 9.33
CA MET F 83 -14.13 14.12 10.52
C MET F 83 -14.35 15.58 10.90
N LEU F 84 -13.48 16.47 10.46
CA LEU F 84 -13.53 17.87 10.86
C LEU F 84 -13.41 18.73 9.63
N LEU F 85 -13.12 20.02 9.81
CA LEU F 85 -12.88 20.90 8.68
C LEU F 85 -14.11 20.95 7.79
N PRO F 86 -15.14 21.71 8.17
CA PRO F 86 -16.40 21.71 7.42
C PRO F 86 -16.25 21.90 5.91
N LEU F 87 -15.05 22.23 5.46
CA LEU F 87 -14.72 22.17 4.05
C LEU F 87 -14.96 20.75 3.53
N PRO F 88 -15.67 20.57 2.42
CA PRO F 88 -15.97 19.22 1.93
C PRO F 88 -14.70 18.46 1.58
N LEU F 89 -14.77 17.13 1.76
CA LEU F 89 -13.62 16.27 1.46
C LEU F 89 -13.13 16.37 0.03
N PRO F 90 -13.97 16.49 -1.00
CA PRO F 90 -13.41 16.75 -2.34
C PRO F 90 -12.55 17.99 -2.41
N ALA F 91 -12.91 19.05 -1.68
CA ALA F 91 -12.08 20.24 -1.65
C ALA F 91 -10.75 19.98 -0.95
N VAL F 92 -10.76 19.18 0.12
CA VAL F 92 -9.52 18.80 0.79
C VAL F 92 -8.62 18.04 -0.17
N VAL F 93 -9.21 17.10 -0.92
CA VAL F 93 -8.45 16.33 -1.90
C VAL F 93 -7.88 17.25 -2.97
N LEU F 94 -8.67 18.22 -3.43
CA LEU F 94 -8.19 19.15 -4.44
C LEU F 94 -7.00 19.95 -3.93
N ALA F 95 -7.09 20.45 -2.69
CA ALA F 95 -5.98 21.21 -2.13
C ALA F 95 -4.72 20.35 -1.99
N LYS F 96 -4.90 19.11 -1.53
CA LYS F 96 -3.74 18.22 -1.37
C LYS F 96 -3.11 17.88 -2.72
N VAL F 97 -3.93 17.69 -3.75
CA VAL F 97 -3.40 17.37 -5.07
C VAL F 97 -2.68 18.58 -5.66
N MET F 98 -3.22 19.78 -5.45
CA MET F 98 -2.53 20.98 -5.90
C MET F 98 -1.17 21.13 -5.23
N ALA F 99 -1.13 20.92 -3.91
CA ALA F 99 0.13 21.02 -3.20
C ALA F 99 1.11 19.93 -3.62
N HIS F 100 0.60 18.74 -3.93
CA HIS F 100 1.47 17.68 -4.44
C HIS F 100 2.05 18.04 -5.80
N TRP F 101 1.24 18.65 -6.67
CA TRP F 101 1.74 19.06 -7.97
C TRP F 101 2.79 20.15 -7.85
N MET F 102 2.61 21.07 -6.89
CA MET F 102 3.58 22.15 -6.73
C MET F 102 4.99 21.63 -6.48
N VAL F 103 5.13 20.43 -5.92
CA VAL F 103 6.44 19.85 -5.65
C VAL F 103 6.75 18.67 -6.57
N THR F 104 5.79 18.21 -7.37
CA THR F 104 6.01 17.08 -8.26
C THR F 104 6.01 17.48 -9.72
N GLY F 105 4.95 18.13 -10.20
CA GLY F 105 4.86 18.48 -11.60
C GLY F 105 5.49 19.82 -11.94
N LEU F 106 5.47 20.76 -10.99
CA LEU F 106 6.09 22.05 -11.23
C LEU F 106 7.61 21.96 -11.45
N PRO F 107 8.38 21.20 -10.66
CA PRO F 107 9.82 21.08 -10.97
C PRO F 107 10.11 20.57 -12.36
N LEU F 108 9.30 19.66 -12.89
CA LEU F 108 9.52 19.18 -14.25
C LEU F 108 9.36 20.28 -15.27
N LEU F 109 8.45 21.23 -15.01
CA LEU F 109 8.30 22.36 -15.92
C LEU F 109 9.44 23.35 -15.76
N ILE F 110 9.93 23.54 -14.54
CA ILE F 110 11.08 24.41 -14.32
C ILE F 110 12.33 23.82 -14.95
N LEU F 111 12.47 22.49 -14.91
CA LEU F 111 13.61 21.81 -15.51
C LEU F 111 13.49 21.64 -17.01
N SER F 112 12.33 21.94 -17.59
CA SER F 112 12.15 21.73 -19.02
C SER F 112 13.12 22.50 -19.90
N PRO F 113 13.48 23.76 -19.63
CA PRO F 113 14.48 24.43 -20.50
C PRO F 113 15.81 23.71 -20.55
N LEU F 114 16.25 23.10 -19.45
CA LEU F 114 17.49 22.34 -19.46
C LEU F 114 17.34 21.01 -20.16
N VAL F 115 16.15 20.41 -20.13
CA VAL F 115 15.91 19.19 -20.88
C VAL F 115 15.95 19.46 -22.38
N ALA F 116 15.45 20.62 -22.80
CA ALA F 116 15.50 20.98 -24.21
C ALA F 116 16.93 21.15 -24.70
N MET F 117 17.79 21.76 -23.89
CA MET F 117 19.19 21.89 -24.29
C MET F 117 19.91 20.54 -24.27
N LEU F 118 19.62 19.71 -23.28
CA LEU F 118 20.24 18.39 -23.20
C LEU F 118 19.87 17.53 -24.39
N LEU F 119 18.60 17.56 -24.79
CA LEU F 119 18.11 16.74 -25.89
C LEU F 119 18.13 17.48 -27.22
N GLY F 120 18.68 18.69 -27.25
CA GLY F 120 18.90 19.38 -28.51
C GLY F 120 17.63 19.73 -29.26
N MET F 121 16.60 20.17 -28.55
CA MET F 121 15.36 20.59 -29.19
C MET F 121 15.41 22.07 -29.51
N ASP F 122 14.37 22.55 -30.18
CA ASP F 122 14.29 23.94 -30.60
C ASP F 122 13.55 24.76 -29.55
N VAL F 123 13.41 26.06 -29.81
CA VAL F 123 12.64 26.91 -28.91
C VAL F 123 11.16 26.59 -29.03
N TYR F 124 10.67 26.33 -30.24
CA TYR F 124 9.28 25.94 -30.43
C TYR F 124 9.00 24.58 -29.82
N GLY F 125 9.94 23.65 -29.98
CA GLY F 125 9.79 22.36 -29.34
C GLY F 125 9.74 22.48 -27.83
N TRP F 126 10.55 23.36 -27.25
CA TRP F 126 10.49 23.60 -25.82
C TRP F 126 9.16 24.21 -25.43
N GLN F 127 8.65 25.15 -26.22
CA GLN F 127 7.36 25.75 -25.91
C GLN F 127 6.28 24.69 -25.85
N VAL F 128 6.25 23.81 -26.86
CA VAL F 128 5.23 22.77 -26.89
C VAL F 128 5.42 21.78 -25.74
N MET F 129 6.66 21.44 -25.41
CA MET F 129 6.91 20.54 -24.29
C MET F 129 6.46 21.15 -22.97
N ALA F 130 6.75 22.45 -22.77
CA ALA F 130 6.33 23.11 -21.54
C ALA F 130 4.81 23.19 -21.44
N LEU F 131 4.14 23.51 -22.55
CA LEU F 131 2.69 23.52 -22.56
C LEU F 131 2.13 22.12 -22.32
N THR F 132 2.85 21.09 -22.75
CA THR F 132 2.39 19.72 -22.55
C THR F 132 2.54 19.28 -21.10
N LEU F 133 3.65 19.65 -20.46
CA LEU F 133 3.84 19.32 -19.05
C LEU F 133 2.92 20.14 -18.17
N LEU F 134 2.64 21.39 -18.56
CA LEU F 134 1.74 22.23 -17.77
C LEU F 134 0.33 21.67 -17.76
N LEU F 135 -0.13 21.14 -18.89
CA LEU F 135 -1.47 20.58 -19.01
C LEU F 135 -1.51 19.07 -18.76
N GLY F 136 -0.36 18.43 -18.59
CA GLY F 136 -0.33 16.98 -18.48
C GLY F 136 -0.01 16.46 -17.09
N THR F 137 0.84 17.17 -16.35
CA THR F 137 1.23 16.74 -15.02
C THR F 137 0.11 16.91 -13.98
N PRO F 138 -0.69 17.99 -14.01
CA PRO F 138 -1.87 18.00 -13.15
C PRO F 138 -2.82 16.86 -13.44
N THR F 139 -2.97 16.49 -14.71
CA THR F 139 -3.78 15.32 -15.05
C THR F 139 -3.16 14.06 -14.46
N LEU F 140 -1.84 13.95 -14.47
CA LEU F 140 -1.17 12.81 -13.85
C LEU F 140 -1.49 12.73 -12.36
N GLY F 141 -1.40 13.87 -11.67
CA GLY F 141 -1.71 13.87 -10.25
C GLY F 141 -3.17 13.54 -9.96
N PHE F 142 -4.08 14.08 -10.76
CA PHE F 142 -5.51 13.82 -10.56
C PHE F 142 -5.85 12.37 -10.88
N LEU F 143 -5.17 11.76 -11.83
CA LEU F 143 -5.41 10.35 -12.14
C LEU F 143 -4.82 9.45 -11.06
N GLY F 144 -3.66 9.83 -10.50
CA GLY F 144 -3.04 9.01 -9.48
C GLY F 144 -3.61 9.19 -8.09
N ALA F 145 -4.36 10.26 -7.85
CA ALA F 145 -4.96 10.45 -6.54
C ALA F 145 -5.94 9.34 -6.15
N PRO F 146 -6.89 8.92 -7.00
CA PRO F 146 -7.77 7.81 -6.59
C PRO F 146 -7.03 6.52 -6.30
N GLY F 147 -5.97 6.21 -7.06
CA GLY F 147 -5.23 4.99 -6.81
C GLY F 147 -4.52 4.99 -5.47
N VAL F 148 -3.85 6.09 -5.15
CA VAL F 148 -3.18 6.18 -3.86
C VAL F 148 -4.20 6.25 -2.73
N ALA F 149 -5.37 6.82 -2.98
CA ALA F 149 -6.43 6.82 -1.98
C ALA F 149 -6.94 5.40 -1.72
N LEU F 150 -7.05 4.59 -2.77
CA LEU F 150 -7.49 3.21 -2.60
C LEU F 150 -6.43 2.37 -1.91
N THR F 151 -5.16 2.61 -2.21
CA THR F 151 -4.06 1.79 -1.70
C THR F 151 -3.41 2.37 -0.45
N VAL F 152 -3.95 3.46 0.11
CA VAL F 152 -3.32 4.07 1.27
C VAL F 152 -3.41 3.15 2.49
N GLY F 153 -4.51 2.41 2.63
CA GLY F 153 -4.65 1.50 3.75
C GLY F 153 -3.68 0.33 3.64
N LEU F 154 -3.36 -0.08 2.42
CA LEU F 154 -2.46 -1.22 2.22
C LEU F 154 -1.01 -0.83 2.47
N LYS F 155 -0.64 0.41 2.15
CA LYS F 155 0.73 0.92 2.31
C LYS F 155 1.74 -0.04 1.68
N ARG F 156 1.43 -0.43 0.45
CA ARG F 156 2.31 -1.28 -0.33
C ARG F 156 3.64 -0.59 -0.60
N GLY F 157 3.59 0.67 -1.03
CA GLY F 157 4.79 1.38 -1.40
C GLY F 157 5.56 0.67 -2.49
N GLY F 158 4.85 0.13 -3.48
CA GLY F 158 5.49 -0.68 -4.48
C GLY F 158 4.74 -0.78 -5.80
N VAL F 159 4.69 -1.98 -6.36
CA VAL F 159 4.18 -2.16 -7.72
C VAL F 159 2.67 -2.08 -7.81
N LEU F 160 1.95 -2.20 -6.69
CA LEU F 160 0.49 -2.22 -6.76
C LEU F 160 -0.06 -0.89 -7.27
N LEU F 161 0.46 0.22 -6.77
CA LEU F 161 -0.01 1.53 -7.22
C LEU F 161 0.30 1.77 -8.67
N SER F 162 1.34 1.12 -9.20
CA SER F 162 1.77 1.32 -10.58
C SER F 162 1.03 0.43 -11.57
N ILE F 163 0.06 -0.36 -11.12
CA ILE F 163 -0.79 -1.13 -12.01
C ILE F 163 -2.25 -0.69 -11.96
N LEU F 164 -2.59 0.24 -11.05
CA LEU F 164 -3.92 0.82 -10.99
C LEU F 164 -4.04 2.13 -11.76
N VAL F 165 -3.07 3.03 -11.60
CA VAL F 165 -3.14 4.35 -12.21
C VAL F 165 -2.25 4.50 -13.42
N LEU F 166 -1.46 3.49 -13.75
CA LEU F 166 -0.59 3.57 -14.92
C LEU F 166 -1.35 3.29 -16.22
N PRO F 167 -2.27 2.30 -16.25
CA PRO F 167 -3.12 2.17 -17.44
C PRO F 167 -4.00 3.40 -17.70
N LEU F 168 -4.36 4.14 -16.65
CA LEU F 168 -5.25 5.28 -16.83
C LEU F 168 -4.56 6.47 -17.49
N THR F 169 -3.22 6.51 -17.46
CA THR F 169 -2.47 7.61 -18.04
C THR F 169 -2.10 7.36 -19.50
N ILE F 170 -2.58 6.27 -20.09
CA ILE F 170 -2.22 5.96 -21.47
C ILE F 170 -2.73 7.00 -22.45
N PRO F 171 -4.00 7.45 -22.40
CA PRO F 171 -4.42 8.52 -23.33
C PRO F 171 -3.62 9.80 -23.17
N LEU F 172 -3.30 10.18 -21.93
CA LEU F 172 -2.49 11.37 -21.71
C LEU F 172 -1.11 11.21 -22.31
N LEU F 173 -0.48 10.05 -22.10
CA LEU F 173 0.82 9.77 -22.71
C LEU F 173 0.74 9.86 -24.23
N ILE F 174 -0.28 9.24 -24.82
CA ILE F 174 -0.40 9.17 -26.27
C ILE F 174 -0.53 10.58 -26.85
N PHE F 175 -1.44 11.37 -26.29
CA PHE F 175 -1.69 12.68 -26.89
C PHE F 175 -0.57 13.67 -26.56
N ALA F 176 0.07 13.55 -25.40
CA ALA F 176 1.21 14.38 -25.09
C ALA F 176 2.38 14.11 -26.02
N THR F 177 2.69 12.82 -26.23
CA THR F 177 3.77 12.46 -27.15
C THR F 177 3.43 12.85 -28.58
N ALA F 178 2.16 12.74 -28.96
CA ALA F 178 1.75 13.17 -30.29
C ALA F 178 1.93 14.66 -30.47
N ALA F 179 1.56 15.45 -29.47
CA ALA F 179 1.76 16.90 -29.53
C ALA F 179 3.24 17.24 -29.67
N MET F 180 4.07 16.61 -28.84
CA MET F 180 5.50 16.89 -28.89
C MET F 180 6.11 16.47 -30.21
N ASP F 181 5.71 15.32 -30.73
CA ASP F 181 6.23 14.84 -32.01
C ASP F 181 5.81 15.77 -33.14
N ALA F 182 4.55 16.19 -33.17
CA ALA F 182 4.10 17.15 -34.18
C ALA F 182 4.78 18.49 -34.03
N ALA F 183 5.28 18.83 -32.84
CA ALA F 183 6.08 20.03 -32.69
C ALA F 183 7.41 19.91 -33.43
N SER F 184 7.97 18.70 -33.50
CA SER F 184 9.25 18.51 -34.17
C SER F 184 9.17 18.87 -35.65
N MET F 185 8.07 18.48 -36.31
CA MET F 185 7.86 18.83 -37.71
C MET F 185 7.45 20.28 -37.91
N HIS F 186 7.45 21.08 -36.84
CA HIS F 186 7.06 22.49 -36.90
C HIS F 186 5.64 22.64 -37.43
N LEU F 187 4.76 21.74 -36.99
CA LEU F 187 3.36 21.71 -37.34
C LEU F 187 2.52 22.32 -36.23
N PRO F 188 1.37 22.90 -36.58
CA PRO F 188 0.47 23.44 -35.54
C PRO F 188 0.05 22.34 -34.56
N VAL F 189 -0.04 22.72 -33.29
CA VAL F 189 -0.32 21.78 -32.21
C VAL F 189 -1.56 22.20 -31.42
N ASP F 190 -2.40 23.06 -32.01
CA ASP F 190 -3.54 23.61 -31.29
C ASP F 190 -4.52 22.51 -30.88
N GLY F 191 -4.80 21.57 -31.78
CA GLY F 191 -5.77 20.53 -31.45
C GLY F 191 -5.30 19.60 -30.36
N TYR F 192 -4.00 19.27 -30.36
CA TYR F 192 -3.47 18.39 -29.33
C TYR F 192 -3.54 19.03 -27.96
N LEU F 193 -3.20 20.32 -27.89
CA LEU F 193 -3.32 21.05 -26.63
C LEU F 193 -4.77 21.18 -26.20
N ALA F 194 -5.69 21.33 -27.16
CA ALA F 194 -7.11 21.35 -26.81
C ALA F 194 -7.56 20.02 -26.20
N ILE F 195 -7.10 18.91 -26.77
CA ILE F 195 -7.45 17.60 -26.23
C ILE F 195 -6.85 17.42 -24.84
N LEU F 196 -5.61 17.88 -24.65
CA LEU F 196 -4.98 17.77 -23.34
C LEU F 196 -5.71 18.62 -22.30
N GLY F 197 -6.14 19.82 -22.69
CA GLY F 197 -6.93 20.63 -21.79
C GLY F 197 -8.28 20.00 -21.47
N ALA F 198 -8.89 19.35 -22.45
CA ALA F 198 -10.14 18.63 -22.20
C ALA F 198 -9.94 17.50 -21.21
N LEU F 199 -8.85 16.74 -21.36
CA LEU F 199 -8.54 15.69 -20.40
C LEU F 199 -8.30 16.26 -19.01
N LEU F 200 -7.58 17.39 -18.92
CA LEU F 200 -7.32 17.99 -17.62
C LEU F 200 -8.62 18.46 -16.97
N ALA F 201 -9.50 19.08 -17.74
CA ALA F 201 -10.78 19.54 -17.20
C ALA F 201 -11.65 18.37 -16.76
N GLY F 202 -11.68 17.29 -17.56
CA GLY F 202 -12.49 16.14 -17.18
C GLY F 202 -11.95 15.43 -15.95
N THR F 203 -10.63 15.29 -15.85
CA THR F 203 -10.05 14.59 -14.71
C THR F 203 -10.13 15.42 -13.45
N ALA F 204 -9.89 16.73 -13.54
CA ALA F 204 -9.89 17.60 -12.38
C ALA F 204 -11.27 17.73 -11.73
N THR F 205 -12.33 17.33 -12.43
CA THR F 205 -13.68 17.48 -11.90
C THR F 205 -14.16 16.22 -11.18
N LEU F 206 -13.84 15.04 -11.71
CA LEU F 206 -14.31 13.80 -11.12
C LEU F 206 -13.31 13.16 -10.17
N SER F 207 -12.02 13.42 -10.37
CA SER F 207 -11.01 12.84 -9.50
C SER F 207 -11.14 13.26 -8.04
N PRO F 208 -11.42 14.52 -7.68
CA PRO F 208 -11.64 14.83 -6.26
C PRO F 208 -12.74 14.01 -5.63
N PHE F 209 -13.84 13.79 -6.33
CA PHE F 209 -14.95 13.03 -5.78
C PHE F 209 -14.60 11.55 -5.67
N ALA F 210 -13.97 11.00 -6.71
CA ALA F 210 -13.55 9.60 -6.64
C ALA F 210 -12.55 9.38 -5.51
N THR F 211 -11.61 10.32 -5.34
CA THR F 211 -10.63 10.21 -4.27
C THR F 211 -11.28 10.35 -2.90
N ALA F 212 -12.26 11.24 -2.76
CA ALA F 212 -12.97 11.35 -1.50
C ALA F 212 -13.70 10.07 -1.16
N ALA F 213 -14.37 9.46 -2.15
CA ALA F 213 -15.03 8.19 -1.91
C ALA F 213 -14.04 7.10 -1.52
N ALA F 214 -12.90 7.04 -2.21
CA ALA F 214 -11.89 6.03 -1.90
C ALA F 214 -11.31 6.24 -0.50
N LEU F 215 -11.11 7.50 -0.11
CA LEU F 215 -10.61 7.78 1.23
C LEU F 215 -11.62 7.38 2.29
N ARG F 216 -12.90 7.63 2.04
CA ARG F 216 -13.94 7.18 2.97
C ARG F 216 -13.95 5.66 3.08
N ILE F 217 -13.74 4.96 1.96
CA ILE F 217 -13.66 3.51 1.99
C ILE F 217 -12.48 3.06 2.83
N SER F 218 -11.32 3.70 2.64
CA SER F 218 -10.09 3.23 3.28
C SER F 218 -10.06 3.57 4.76
N ILE F 219 -10.68 4.67 5.18
CA ILE F 219 -10.60 5.07 6.59
C ILE F 219 -11.33 4.07 7.47
N GLN F 220 -12.30 3.34 6.94
CA GLN F 220 -13.04 2.36 7.71
C GLN F 220 -12.44 0.97 7.55
MG MG G . 9.13 7.58 26.58
PG ATP H . 7.38 9.61 27.94
O1G ATP H . 7.40 9.23 29.41
O2G ATP H . 6.18 10.39 27.52
O3G ATP H . 7.75 8.50 27.00
PB ATP H . 10.13 10.13 27.94
O1B ATP H . 10.50 10.32 29.38
O2B ATP H . 10.24 8.79 27.27
O3B ATP H . 8.61 10.65 27.79
PA ATP H . 12.28 10.93 26.25
O1A ATP H . 11.93 10.30 24.93
O2A ATP H . 13.28 10.29 27.18
O3A ATP H . 10.93 11.22 27.08
O5' ATP H . 12.76 12.44 25.96
C5' ATP H . 14.11 12.84 26.19
C4' ATP H . 14.30 14.23 25.60
O4' ATP H . 15.12 14.15 24.43
C3' ATP H . 12.98 14.85 25.19
O3' ATP H . 12.73 16.01 25.99
C2' ATP H . 13.14 15.24 23.75
O2' ATP H . 12.84 16.64 23.59
C1' ATP H . 14.58 14.97 23.39
N9 ATP H . 14.73 14.27 22.08
C8 ATP H . 15.63 14.59 21.14
N7 ATP H . 15.53 13.79 20.06
C5 ATP H . 14.53 12.92 20.29
C6 ATP H . 13.90 11.81 19.56
N6 ATP H . 14.33 11.46 18.33
N1 ATP H . 12.88 11.15 20.16
C2 ATP H . 12.44 11.50 21.38
N3 ATP H . 12.97 12.50 22.11
C4 ATP H . 14.00 13.25 21.63
CHA HEM I . -13.35 -9.09 -32.92
CHB HEM I . -9.37 -7.96 -30.41
CHC HEM I . -6.61 -10.05 -33.82
CHD HEM I . -10.58 -10.77 -36.51
C1A HEM I . -12.53 -8.54 -31.95
C2A HEM I . -12.92 -7.70 -30.82
C3A HEM I . -11.81 -7.41 -30.15
C4A HEM I . -10.69 -8.03 -30.80
CMA HEM I . -11.74 -6.54 -28.87
CAA HEM I . -14.34 -7.22 -30.44
CBA HEM I . -15.08 -6.58 -31.61
CGA HEM I . -14.63 -5.16 -31.82
O1A HEM I . -15.19 -4.48 -32.73
O2A HEM I . -13.71 -4.70 -31.09
C1B HEM I . -8.30 -8.52 -31.07
C2B HEM I . -6.97 -8.70 -30.52
C3B HEM I . -6.20 -9.26 -31.44
C4B HEM I . -7.00 -9.48 -32.63
CMB HEM I . -6.49 -8.31 -29.11
CAB HEM I . -4.71 -9.59 -31.17
CBB HEM I . -3.86 -9.89 -32.16
C1C HEM I . -7.43 -10.37 -34.88
C2C HEM I . -7.00 -10.86 -36.17
C3C HEM I . -8.08 -11.05 -36.92
C4C HEM I . -9.25 -10.71 -36.13
CMC HEM I . -5.54 -11.09 -36.61
CAC HEM I . -8.03 -11.57 -38.39
CBC HEM I . -9.09 -11.59 -39.20
C1D HEM I . -11.67 -10.32 -35.80
C2D HEM I . -13.02 -10.19 -36.32
C3D HEM I . -13.80 -9.72 -35.34
C4D HEM I . -12.97 -9.54 -34.16
CMD HEM I . -13.48 -10.52 -37.75
CAD HEM I . -15.31 -9.45 -35.48
CBD HEM I . -15.74 -8.11 -34.89
CGD HEM I . -17.24 -8.05 -34.78
O1D HEM I . -17.93 -8.67 -35.64
O2D HEM I . -17.75 -7.37 -33.86
NA HEM I . -11.17 -8.72 -31.90
NB HEM I . -8.29 -9.01 -32.36
NC HEM I . -8.81 -10.30 -34.89
ND HEM I . -11.67 -9.92 -34.49
FE HEM I . -9.98 -9.45 -33.42
P 3PE J . -9.57 -16.42 -5.83
N 3PE J . -5.88 -16.23 -3.49
O11 3PE J . -8.98 -16.56 -7.30
O12 3PE J . -10.61 -17.47 -5.79
O13 3PE J . -8.29 -16.87 -4.98
O14 3PE J . -9.92 -15.02 -5.46
C11 3PE J . -8.34 -16.88 -3.50
C12 3PE J . -7.07 -16.60 -2.69
C1 3PE J . -7.68 -16.02 -7.61
C2 3PE J . -7.41 -16.22 -9.08
C3 3PE J . -8.34 -17.18 -9.76
O31 3PE J . -7.61 -18.37 -10.09
O32 3PE J . -8.57 -19.68 -11.55
C31 3PE J . -7.78 -18.84 -11.30
C32 3PE J . -6.86 -18.22 -12.28
C33 3PE J . -6.78 -18.94 -13.56
C34 3PE J . -5.57 -18.55 -14.38
C35 3PE J . -5.31 -19.46 -15.54
C36 3PE J . -4.15 -19.04 -16.39
C37 3PE J . -3.90 -19.94 -17.56
C38 3PE J . -3.17 -21.18 -17.22
C39 3PE J . -1.98 -21.46 -18.09
C3A 3PE J . -2.17 -21.15 -19.55
O21 3PE J . -7.55 -14.92 -9.71
O22 3PE J . -5.50 -14.21 -10.10
C21 3PE J . -6.57 -14.52 -10.51
C22 3PE J . -6.95 -14.52 -11.94
C23 3PE J . -5.86 -14.08 -12.82
C24 3PE J . -6.23 -14.20 -14.26
C25 3PE J . -5.21 -13.68 -15.22
C26 3PE J . -5.20 -14.38 -16.53
C27 3PE J . -3.88 -14.27 -17.23
C28 3PE J . -3.27 -15.57 -17.62
C29 3PE J . -1.78 -15.57 -17.63
C2A 3PE J . -1.22 -16.93 -17.86
C2B 3PE J . 0.24 -17.10 -17.53
C2C 3PE J . 0.86 -18.23 -18.31
C2D 3PE J . 1.34 -17.89 -19.70
C2E 3PE J . 2.45 -16.86 -19.69
C2F 3PE J . 2.40 -15.89 -20.87
C2G 3PE J . 1.83 -16.45 -22.15
C2H 3PE J . 1.89 -15.46 -23.27
C2I 3PE J . 3.25 -15.33 -23.89
MG MG K . -9.51 1.94 21.29
PG ATP L . -8.60 -0.40 23.49
O1G ATP L . -9.27 -0.21 24.81
O2G ATP L . -7.37 -1.28 23.54
O3G ATP L . -8.42 0.86 22.67
PB ATP L . -11.02 -0.64 22.11
O1B ATP L . -11.99 -0.67 23.28
O2B ATP L . -10.74 0.63 21.38
O3B ATP L . -9.64 -1.27 22.62
PA ATP L . -12.31 -1.41 19.71
O1A ATP L . -11.33 -0.94 18.66
O2A ATP L . -13.49 -0.54 20.05
O3A ATP L . -11.52 -1.75 21.07
O5' ATP L . -12.82 -2.87 19.29
C5' ATP L . -13.55 -3.10 18.09
C4' ATP L . -13.45 -4.57 17.74
O4' ATP L . -13.69 -4.76 16.34
C3' ATP L . -12.06 -5.11 18.04
O3' ATP L . -12.14 -6.10 19.07
C2' ATP L . -11.57 -5.74 16.76
O2' ATP L . -11.23 -7.11 17.00
C1' ATP L . -12.73 -5.65 15.78
N9 ATP L . -12.28 -5.14 14.46
C8 ATP L . -12.51 -5.74 13.28
N7 ATP L . -11.97 -5.03 12.26
C5 ATP L . -11.37 -3.95 12.79
C6 ATP L . -10.61 -2.79 12.27
N6 ATP L . -10.38 -2.65 10.94
N1 ATP L . -10.16 -1.88 13.16
C2 ATP L . -10.38 -2.02 14.48
N3 ATP L . -11.07 -3.04 15.02
C4 ATP L . -11.58 -4.03 14.25
#